data_3HMU
#
_entry.id   3HMU
#
_cell.length_a   64.246
_cell.length_b   113.605
_cell.length_c   130.985
_cell.angle_alpha   90.000
_cell.angle_beta   90.000
_cell.angle_gamma   90.000
#
_symmetry.space_group_name_H-M   'P 21 21 21'
#
loop_
_entity.id
_entity.type
_entity.pdbx_description
1 polymer 'Aminotransferase, class III'
2 non-polymer 'SULFATE ION'
3 non-polymer 'CHLORIDE ION'
4 water water
#
_entity_poly.entity_id   1
_entity_poly.type   'polypeptide(L)'
_entity_poly.pdbx_seq_one_letter_code
;MSLATITNHMPTAELQALDAAHHLHPFSANNALGEEGTRVITRARGVWLNDSEGEEILDAMAGLWCVNIGYGRDELAEVA
ARQMRELPYYNTFFKTTHVPAIALAQKLAELAPGDLNHVFFAGGGSEANDTNIRMVRTYWQNKGQPEKTVIISRKNAYHG
STVASSALGGMAGMHAQSGLIPDVHHINQPNWWAEGGDMDPEEFGLARARELEEAILELGENRVAAFIAEPVQGAGGVIV
APDSYWPEIQRICDKYDILLIADEVICGFGRTGNWFGTQTMGIRPHIMTIAKGLSSGYAPIGGSIVCDEVAHVIGKDEFN
HGYTYSGHPVAAAVALENLRILEEENILDHVRNVAAPYLKEKWEALTDHPLVGEAKIVGMMASIALTPNKASRAKFASEP
GTIGYICRERCFANNLIMRHVGDRMIISPPLVITPAEIDEMFVRIRKSLDEAQAEIEKQGLMKSEGHHHHHH
;
_entity_poly.pdbx_strand_id   A,B
#
# COMPACT_ATOMS: atom_id res chain seq x y z
N ILE A 6 -26.95 -1.13 -9.66
CA ILE A 6 -26.27 -1.08 -8.31
C ILE A 6 -26.04 0.36 -7.82
N THR A 7 -26.95 0.84 -6.99
CA THR A 7 -26.91 2.22 -6.51
C THR A 7 -27.25 2.27 -5.02
N ASN A 8 -26.96 3.41 -4.37
CA ASN A 8 -27.43 3.68 -3.01
C ASN A 8 -28.96 3.47 -2.85
N HIS A 9 -29.69 3.38 -3.97
CA HIS A 9 -31.16 3.20 -3.96
C HIS A 9 -31.66 1.73 -4.04
N MET A 10 -30.83 0.82 -4.56
CA MET A 10 -31.08 -0.65 -4.52
C MET A 10 -31.36 -1.10 -3.05
N PRO A 11 -32.36 -1.97 -2.83
CA PRO A 11 -32.66 -2.35 -1.44
C PRO A 11 -31.48 -3.03 -0.71
N THR A 12 -31.39 -2.77 0.60
CA THR A 12 -30.33 -3.29 1.47
C THR A 12 -30.03 -4.79 1.32
N ALA A 13 -31.06 -5.64 1.31
CA ALA A 13 -30.86 -7.10 1.20
C ALA A 13 -30.10 -7.45 -0.08
N GLU A 14 -30.48 -6.79 -1.18
CA GLU A 14 -29.86 -7.00 -2.49
C GLU A 14 -28.38 -6.56 -2.52
N LEU A 15 -28.12 -5.37 -1.97
CA LEU A 15 -26.75 -4.87 -1.78
C LEU A 15 -25.90 -5.83 -0.93
N GLN A 16 -26.50 -6.32 0.16
CA GLN A 16 -25.84 -7.29 1.02
C GLN A 16 -25.52 -8.57 0.31
N ALA A 17 -26.44 -9.07 -0.52
CA ALA A 17 -26.18 -10.31 -1.30
C ALA A 17 -25.03 -10.14 -2.28
N LEU A 18 -24.98 -9.00 -2.98
CA LEU A 18 -23.88 -8.71 -3.92
C LEU A 18 -22.56 -8.52 -3.21
N ASP A 19 -22.56 -7.84 -2.06
CA ASP A 19 -21.34 -7.73 -1.26
C ASP A 19 -20.85 -9.13 -0.84
N ALA A 20 -21.73 -9.97 -0.30
CA ALA A 20 -21.34 -11.33 0.09
C ALA A 20 -20.82 -12.16 -1.09
N ALA A 21 -21.43 -12.00 -2.25
CA ALA A 21 -21.01 -12.72 -3.46
C ALA A 21 -19.58 -12.42 -3.95
N HIS A 22 -19.08 -11.20 -3.72
CA HIS A 22 -17.87 -10.76 -4.43
C HIS A 22 -16.80 -10.04 -3.59
N HIS A 23 -17.15 -9.58 -2.40
CA HIS A 23 -16.25 -8.63 -1.69
C HIS A 23 -15.68 -9.33 -0.48
N LEU A 24 -14.36 -9.55 -0.47
CA LEU A 24 -13.72 -10.08 0.71
C LEU A 24 -13.29 -8.93 1.59
N HIS A 25 -13.72 -8.90 2.86
CA HIS A 25 -13.42 -7.76 3.77
C HIS A 25 -12.18 -7.97 4.59
N PRO A 26 -11.49 -6.86 4.94
CA PRO A 26 -10.34 -6.92 5.86
C PRO A 26 -10.76 -7.35 7.27
N PHE A 27 -9.84 -8.03 7.95
CA PHE A 27 -9.99 -8.35 9.37
C PHE A 27 -11.39 -8.90 9.70
N SER A 28 -11.81 -9.89 8.92
CA SER A 28 -13.15 -10.46 9.01
C SER A 28 -13.17 -11.96 8.77
N ALA A 29 -14.23 -12.59 9.28
CA ALA A 29 -14.58 -13.98 9.00
C ALA A 29 -15.63 -13.90 7.86
N ASN A 30 -15.14 -13.91 6.61
CA ASN A 30 -16.00 -13.48 5.51
C ASN A 30 -17.25 -14.34 5.21
N ASN A 31 -17.17 -15.65 5.47
CA ASN A 31 -18.35 -16.54 5.20
C ASN A 31 -19.46 -16.18 6.15
N ALA A 32 -19.13 -16.13 7.43
CA ALA A 32 -20.11 -15.75 8.45
C ALA A 32 -20.60 -14.32 8.25
N LEU A 33 -19.69 -13.44 7.83
CA LEU A 33 -20.07 -12.06 7.57
C LEU A 33 -21.10 -12.02 6.47
N GLY A 34 -20.87 -12.77 5.40
CA GLY A 34 -21.77 -12.81 4.27
C GLY A 34 -23.15 -13.34 4.60
N GLU A 35 -23.24 -14.33 5.48
CA GLU A 35 -24.55 -14.82 5.88
C GLU A 35 -25.28 -13.86 6.85
N GLU A 36 -24.54 -13.14 7.71
CA GLU A 36 -25.14 -12.10 8.54
C GLU A 36 -25.68 -10.93 7.70
N GLY A 37 -24.88 -10.48 6.74
CA GLY A 37 -25.22 -9.31 5.97
C GLY A 37 -24.43 -8.14 6.50
N THR A 38 -23.69 -7.50 5.60
CA THR A 38 -22.91 -6.34 5.99
C THR A 38 -23.80 -5.09 6.15
N ARG A 39 -23.30 -4.09 6.87
CA ARG A 39 -24.02 -2.84 7.03
C ARG A 39 -23.52 -1.92 5.91
N VAL A 40 -24.44 -1.30 5.17
CA VAL A 40 -24.05 -0.50 4.01
C VAL A 40 -24.08 1.02 4.31
N ILE A 41 -22.90 1.65 4.35
CA ILE A 41 -22.80 3.09 4.59
C ILE A 41 -22.96 3.83 3.26
N THR A 42 -23.87 4.79 3.24
CA THR A 42 -24.24 5.44 1.96
C THR A 42 -23.79 6.90 1.89
N ARG A 43 -23.67 7.55 3.05
CA ARG A 43 -23.27 8.96 3.08
C ARG A 43 -22.79 9.37 4.45
N ALA A 44 -22.07 10.48 4.50
CA ALA A 44 -21.52 10.98 5.76
C ALA A 44 -21.50 12.49 5.69
N ARG A 45 -21.86 13.16 6.79
CA ARG A 45 -21.86 14.61 6.90
C ARG A 45 -21.36 14.97 8.31
N GLY A 46 -20.31 15.81 8.40
CA GLY A 46 -19.78 16.19 9.72
C GLY A 46 -19.29 14.96 10.50
N VAL A 47 -19.90 14.61 11.63
CA VAL A 47 -19.48 13.41 12.40
C VAL A 47 -20.49 12.23 12.25
N TRP A 48 -21.38 12.33 11.28
CA TRP A 48 -22.51 11.41 11.13
C TRP A 48 -22.46 10.59 9.87
N LEU A 49 -22.79 9.30 9.98
CA LEU A 49 -22.94 8.47 8.80
C LEU A 49 -24.42 8.15 8.69
N ASN A 50 -24.82 7.82 7.47
CA ASN A 50 -26.06 7.13 7.23
C ASN A 50 -25.80 5.77 6.63
N ASP A 51 -26.66 4.82 7.02
CA ASP A 51 -26.68 3.52 6.37
C ASP A 51 -27.87 3.43 5.42
N SER A 52 -27.96 2.31 4.73
CA SER A 52 -28.95 2.15 3.68
C SER A 52 -30.33 1.84 4.27
N GLU A 53 -30.43 1.66 5.58
CA GLU A 53 -31.73 1.61 6.24
C GLU A 53 -32.18 2.97 6.78
N GLY A 54 -31.36 4.00 6.60
CA GLY A 54 -31.71 5.35 7.03
C GLY A 54 -31.28 5.69 8.46
N GLU A 55 -30.58 4.76 9.12
CA GLU A 55 -30.05 5.01 10.46
C GLU A 55 -28.99 6.09 10.37
N GLU A 56 -28.92 6.93 11.38
CA GLU A 56 -27.91 7.93 11.44
C GLU A 56 -26.99 7.57 12.60
N ILE A 57 -25.70 7.47 12.28
CA ILE A 57 -24.72 6.86 13.14
C ILE A 57 -23.66 7.87 13.53
N LEU A 58 -23.39 7.98 14.83
CA LEU A 58 -22.38 8.91 15.31
C LEU A 58 -21.00 8.24 15.17
N ASP A 59 -20.19 8.71 14.22
CA ASP A 59 -18.90 8.06 13.92
C ASP A 59 -17.80 8.44 14.89
N ALA A 60 -17.83 7.86 16.09
CA ALA A 60 -16.83 8.17 17.10
C ALA A 60 -15.44 7.57 16.80
N MET A 61 -15.29 6.95 15.64
CA MET A 61 -13.97 6.41 15.20
C MET A 61 -13.37 7.16 14.00
N ALA A 62 -14.08 8.17 13.48
CA ALA A 62 -13.58 8.98 12.37
C ALA A 62 -13.13 8.11 11.18
N GLY A 63 -14.04 7.23 10.72
CA GLY A 63 -13.77 6.29 9.64
C GLY A 63 -12.95 5.17 10.21
N LEU A 64 -11.63 5.36 10.19
CA LEU A 64 -10.71 4.45 10.84
C LEU A 64 -9.54 5.24 11.42
N TRP A 65 -9.82 5.97 12.50
CA TRP A 65 -8.85 6.88 13.11
C TRP A 65 -8.35 7.96 12.12
N CYS A 66 -9.12 8.27 11.06
CA CYS A 66 -8.54 9.07 10.01
C CYS A 66 -9.29 10.31 9.51
N VAL A 67 -10.61 10.39 9.70
CA VAL A 67 -11.37 11.49 9.06
C VAL A 67 -11.28 12.71 9.98
N ASN A 68 -10.10 13.31 10.01
CA ASN A 68 -9.78 14.28 11.06
C ASN A 68 -10.52 15.61 10.93
N ILE A 69 -10.80 16.06 9.70
CA ILE A 69 -11.54 17.31 9.50
C ILE A 69 -13.05 17.05 9.45
N GLY A 70 -13.46 15.80 9.66
CA GLY A 70 -14.84 15.41 9.56
C GLY A 70 -15.27 15.20 8.13
N TYR A 71 -16.48 14.67 7.94
CA TYR A 71 -16.99 14.41 6.60
C TYR A 71 -17.64 15.65 6.01
N GLY A 72 -17.90 15.65 4.71
CA GLY A 72 -18.61 16.77 4.09
C GLY A 72 -17.77 17.99 3.77
N ARG A 73 -16.45 17.88 3.71
CA ARG A 73 -15.67 19.04 3.30
C ARG A 73 -15.45 19.08 1.77
N ASP A 74 -16.42 19.64 1.06
CA ASP A 74 -16.43 19.58 -0.41
C ASP A 74 -15.27 20.30 -1.11
N GLU A 75 -14.52 21.13 -0.36
CA GLU A 75 -13.28 21.74 -0.86
C GLU A 75 -12.28 20.70 -1.39
N LEU A 76 -12.19 19.54 -0.73
CA LEU A 76 -11.27 18.50 -1.18
C LEU A 76 -11.75 17.89 -2.49
N ALA A 77 -13.06 17.73 -2.67
CA ALA A 77 -13.61 17.22 -3.93
C ALA A 77 -13.24 18.14 -5.11
N GLU A 78 -13.35 19.44 -4.86
CA GLU A 78 -13.07 20.45 -5.89
C GLU A 78 -11.57 20.38 -6.27
N VAL A 79 -10.71 20.25 -5.27
CA VAL A 79 -9.27 20.18 -5.44
C VAL A 79 -8.86 18.88 -6.16
N ALA A 80 -9.51 17.78 -5.77
CA ALA A 80 -9.32 16.49 -6.41
C ALA A 80 -9.69 16.54 -7.90
N ALA A 81 -10.88 17.06 -8.20
CA ALA A 81 -11.39 17.07 -9.57
C ALA A 81 -10.49 17.97 -10.43
N ARG A 82 -10.12 19.13 -9.89
CA ARG A 82 -9.24 20.03 -10.61
C ARG A 82 -7.91 19.35 -10.93
N GLN A 83 -7.30 18.70 -9.95
CA GLN A 83 -6.05 18.00 -10.23
C GLN A 83 -6.23 16.88 -11.26
N MET A 84 -7.34 16.15 -11.16
CA MET A 84 -7.57 15.03 -12.08
C MET A 84 -7.77 15.45 -13.52
N ARG A 85 -8.45 16.58 -13.73
CA ARG A 85 -8.61 17.13 -15.08
C ARG A 85 -7.23 17.54 -15.65
N GLU A 86 -6.35 18.08 -14.82
CA GLU A 86 -5.10 18.66 -15.28
C GLU A 86 -4.00 17.59 -15.44
N LEU A 87 -3.71 16.86 -14.37
CA LEU A 87 -2.73 15.78 -14.42
C LEU A 87 -3.14 14.70 -13.42
N PRO A 88 -3.88 13.67 -13.88
CA PRO A 88 -4.43 12.73 -12.91
C PRO A 88 -3.39 11.75 -12.34
N TYR A 89 -2.30 11.52 -13.08
CA TYR A 89 -1.21 10.66 -12.65
C TYR A 89 0.05 11.03 -13.39
N TYR A 90 1.17 11.06 -12.68
CA TYR A 90 2.48 10.90 -13.30
C TYR A 90 3.41 10.25 -12.30
N ASN A 91 4.40 9.48 -12.76
CA ASN A 91 5.31 8.76 -11.86
C ASN A 91 6.43 9.66 -11.35
N THR A 92 7.00 9.30 -10.21
CA THR A 92 8.16 9.99 -9.69
C THR A 92 9.46 9.16 -9.87
N PHE A 93 9.44 8.19 -10.80
CA PHE A 93 10.53 7.24 -11.00
C PHE A 93 11.53 7.67 -12.08
N PHE A 94 11.08 8.40 -13.10
CA PHE A 94 11.90 8.65 -14.29
C PHE A 94 12.66 9.95 -14.19
N LYS A 95 13.16 10.27 -12.99
CA LYS A 95 13.78 11.58 -12.70
C LYS A 95 12.81 12.71 -12.99
N THR A 96 11.56 12.46 -12.61
CA THR A 96 10.43 13.31 -12.92
C THR A 96 9.70 13.61 -11.62
N THR A 97 8.92 14.66 -11.63
CA THR A 97 8.16 14.99 -10.43
C THR A 97 6.93 15.71 -10.93
N HIS A 98 6.07 16.12 -10.00
CA HIS A 98 4.94 16.98 -10.35
C HIS A 98 4.75 17.94 -9.18
N VAL A 99 4.05 19.04 -9.43
CA VAL A 99 3.88 20.09 -8.43
C VAL A 99 3.21 19.64 -7.10
N PRO A 100 2.13 18.85 -7.18
CA PRO A 100 1.54 18.35 -5.91
C PRO A 100 2.54 17.61 -4.97
N ALA A 101 3.39 16.74 -5.51
CA ALA A 101 4.42 16.05 -4.71
C ALA A 101 5.38 17.06 -4.09
N ILE A 102 5.87 18.00 -4.89
CA ILE A 102 6.76 19.06 -4.38
C ILE A 102 6.09 19.86 -3.25
N ALA A 103 4.89 20.39 -3.52
CA ALA A 103 4.17 21.18 -2.51
C ALA A 103 3.89 20.38 -1.21
N LEU A 104 3.49 19.13 -1.35
CA LEU A 104 3.21 18.32 -0.15
C LEU A 104 4.48 17.98 0.65
N ALA A 105 5.54 17.57 -0.02
CA ALA A 105 6.79 17.29 0.67
C ALA A 105 7.28 18.55 1.41
N GLN A 106 7.12 19.72 0.81
CA GLN A 106 7.59 20.94 1.44
C GLN A 106 6.74 21.24 2.67
N LYS A 107 5.41 21.14 2.52
CA LYS A 107 4.49 21.35 3.65
C LYS A 107 4.74 20.37 4.83
N LEU A 108 4.90 19.07 4.54
CA LEU A 108 5.21 18.08 5.58
C LEU A 108 6.53 18.40 6.29
N ALA A 109 7.56 18.77 5.54
CA ALA A 109 8.85 19.20 6.13
C ALA A 109 8.67 20.38 7.10
N GLU A 110 7.86 21.34 6.68
CA GLU A 110 7.56 22.52 7.50
C GLU A 110 6.86 22.19 8.85
N LEU A 111 5.89 21.26 8.82
CA LEU A 111 5.14 20.88 10.03
C LEU A 111 5.89 19.90 10.92
N ALA A 112 6.74 19.07 10.33
CA ALA A 112 7.53 18.10 11.07
C ALA A 112 8.57 18.81 11.97
N PRO A 113 8.85 18.25 13.16
CA PRO A 113 9.79 18.94 14.05
C PRO A 113 11.25 18.70 13.67
N GLY A 114 12.16 19.48 14.25
CA GLY A 114 13.59 19.27 14.05
C GLY A 114 14.03 19.19 12.60
N ASP A 115 14.91 18.25 12.31
CA ASP A 115 15.49 18.18 10.96
C ASP A 115 14.83 17.05 10.13
N LEU A 116 13.56 16.78 10.43
CA LEU A 116 12.75 15.86 9.65
C LEU A 116 12.27 16.60 8.41
N ASN A 117 13.06 16.54 7.36
CA ASN A 117 12.92 17.47 6.25
C ASN A 117 12.66 16.82 4.88
N HIS A 118 12.53 15.48 4.85
CA HIS A 118 12.50 14.76 3.56
C HIS A 118 11.39 13.72 3.61
N VAL A 119 10.66 13.55 2.50
CA VAL A 119 9.52 12.69 2.50
C VAL A 119 9.65 11.64 1.40
N PHE A 120 9.41 10.38 1.79
CA PHE A 120 9.26 9.30 0.82
C PHE A 120 7.81 8.87 0.84
N PHE A 121 7.12 9.11 -0.29
CA PHE A 121 5.68 8.83 -0.37
C PHE A 121 5.38 7.35 -0.60
N ALA A 122 4.25 6.90 -0.06
CA ALA A 122 3.76 5.52 -0.24
C ALA A 122 2.23 5.58 -0.30
N GLY A 123 1.57 4.41 -0.34
CA GLY A 123 0.09 4.34 -0.52
C GLY A 123 -0.64 4.44 0.83
N GLY A 124 0.08 4.26 1.93
CA GLY A 124 -0.55 4.22 3.26
C GLY A 124 0.45 3.76 4.30
N GLY A 125 -0.05 3.42 5.48
CA GLY A 125 0.82 3.25 6.63
C GLY A 125 1.66 1.99 6.54
N SER A 126 1.03 0.91 6.12
CA SER A 126 1.73 -0.38 5.99
C SER A 126 2.90 -0.27 5.00
N GLU A 127 2.63 0.19 3.77
CA GLU A 127 3.67 0.39 2.74
C GLU A 127 4.77 1.35 3.25
N ALA A 128 4.38 2.36 4.02
CA ALA A 128 5.33 3.34 4.56
C ALA A 128 6.25 2.72 5.62
N ASN A 129 5.72 1.81 6.44
CA ASN A 129 6.59 1.01 7.34
C ASN A 129 7.48 -0.01 6.63
N ASP A 130 7.04 -0.53 5.47
CA ASP A 130 7.96 -1.30 4.60
C ASP A 130 9.09 -0.41 4.07
N THR A 131 8.75 0.81 3.62
CA THR A 131 9.78 1.81 3.33
C THR A 131 10.76 1.94 4.50
N ASN A 132 10.25 2.16 5.70
CA ASN A 132 11.11 2.32 6.89
C ASN A 132 12.03 1.12 7.19
N ILE A 133 11.50 -0.09 7.11
CA ILE A 133 12.34 -1.29 7.34
C ILE A 133 13.47 -1.32 6.34
N ARG A 134 13.12 -1.14 5.07
CA ARG A 134 14.14 -1.24 4.03
C ARG A 134 15.12 -0.10 4.13
N MET A 135 14.64 1.08 4.49
CA MET A 135 15.51 2.27 4.61
C MET A 135 16.48 2.16 5.81
N VAL A 136 16.00 1.73 6.99
CA VAL A 136 16.90 1.62 8.17
C VAL A 136 18.00 0.55 7.99
N ARG A 137 17.63 -0.58 7.41
CA ARG A 137 18.58 -1.63 7.02
C ARG A 137 19.59 -1.20 5.95
N THR A 138 19.12 -0.54 4.89
CA THR A 138 19.99 0.01 3.84
C THR A 138 20.93 1.09 4.43
N TYR A 139 20.39 1.97 5.29
CA TYR A 139 21.19 2.95 6.00
C TYR A 139 22.43 2.31 6.64
N TRP A 140 22.25 1.22 7.40
CA TRP A 140 23.39 0.62 8.08
C TRP A 140 24.34 -0.08 7.15
N GLN A 141 23.81 -0.70 6.10
CA GLN A 141 24.65 -1.26 5.03
C GLN A 141 25.52 -0.17 4.40
N ASN A 142 24.89 0.95 4.01
CA ASN A 142 25.61 2.11 3.51
C ASN A 142 26.72 2.64 4.46
N LYS A 143 26.60 2.40 5.77
CA LYS A 143 27.60 2.83 6.78
C LYS A 143 28.61 1.69 6.99
N GLY A 144 28.57 0.62 6.19
CA GLY A 144 29.50 -0.51 6.36
C GLY A 144 29.22 -1.37 7.61
N GLN A 145 27.97 -1.36 8.07
CA GLN A 145 27.58 -2.16 9.24
C GLN A 145 26.37 -3.03 8.86
N PRO A 146 26.57 -4.01 7.94
CA PRO A 146 25.43 -4.78 7.47
C PRO A 146 24.85 -5.76 8.50
N GLU A 147 25.53 -5.97 9.65
CA GLU A 147 24.97 -6.79 10.77
C GLU A 147 23.80 -6.14 11.48
N LYS A 148 23.65 -4.80 11.36
CA LYS A 148 22.63 -4.05 12.09
C LYS A 148 21.30 -4.23 11.36
N THR A 149 20.61 -5.33 11.66
CA THR A 149 19.37 -5.64 10.97
C THR A 149 18.11 -5.71 11.82
N VAL A 150 18.27 -5.89 13.12
CA VAL A 150 17.11 -6.21 13.96
C VAL A 150 16.27 -4.96 14.26
N ILE A 151 14.97 -5.07 14.05
CA ILE A 151 14.11 -4.00 14.45
C ILE A 151 13.37 -4.43 15.74
N ILE A 152 13.46 -3.58 16.77
CA ILE A 152 12.76 -3.82 18.03
C ILE A 152 11.46 -3.06 18.01
N SER A 153 10.40 -3.75 18.41
CA SER A 153 9.05 -3.22 18.48
C SER A 153 8.42 -3.77 19.78
N ARG A 154 7.10 -3.79 19.88
CA ARG A 154 6.43 -4.16 21.15
C ARG A 154 5.24 -5.09 20.98
N LYS A 155 5.01 -5.96 21.96
CA LYS A 155 3.77 -6.72 22.01
C LYS A 155 2.60 -5.74 21.99
N ASN A 156 1.56 -6.09 21.25
CA ASN A 156 0.34 -5.29 21.15
C ASN A 156 0.56 -3.97 20.39
N ALA A 157 1.66 -3.87 19.65
CA ALA A 157 1.86 -2.74 18.72
C ALA A 157 1.09 -3.05 17.45
N TYR A 158 0.83 -2.03 16.67
CA TYR A 158 0.23 -2.19 15.37
C TYR A 158 0.94 -1.23 14.42
N HIS A 159 1.51 -1.79 13.35
CA HIS A 159 2.27 -1.01 12.37
C HIS A 159 1.85 -1.25 10.90
N GLY A 160 0.80 -2.03 10.68
CA GLY A 160 0.25 -2.17 9.33
C GLY A 160 0.02 -3.63 9.04
N SER A 161 -0.35 -3.94 7.78
CA SER A 161 -0.78 -5.28 7.43
C SER A 161 -0.09 -5.92 6.19
N THR A 162 1.04 -5.37 5.71
CA THR A 162 1.95 -6.13 4.81
C THR A 162 2.65 -7.20 5.67
N VAL A 163 3.30 -8.14 5.03
CA VAL A 163 3.96 -9.21 5.78
C VAL A 163 4.93 -8.60 6.80
N ALA A 164 5.79 -7.70 6.34
CA ALA A 164 6.84 -7.16 7.19
C ALA A 164 6.30 -6.14 8.20
N SER A 165 5.30 -5.35 7.82
CA SER A 165 4.78 -4.40 8.81
C SER A 165 3.85 -5.10 9.84
N SER A 166 3.18 -6.17 9.40
CA SER A 166 2.62 -7.11 10.37
C SER A 166 3.67 -7.66 11.35
N ALA A 167 4.85 -8.01 10.84
CA ALA A 167 5.93 -8.54 11.71
C ALA A 167 6.30 -7.55 12.80
N LEU A 168 6.34 -6.27 12.45
CA LEU A 168 6.65 -5.19 13.40
C LEU A 168 5.52 -5.02 14.43
N GLY A 169 4.28 -5.17 13.98
CA GLY A 169 3.14 -5.22 14.94
C GLY A 169 3.31 -6.39 15.90
N GLY A 170 2.52 -6.39 16.97
CA GLY A 170 2.70 -7.35 18.05
C GLY A 170 1.44 -8.17 18.30
N MET A 171 0.73 -8.51 17.21
CA MET A 171 -0.52 -9.24 17.28
C MET A 171 -0.30 -10.70 16.84
N ALA A 172 -0.42 -11.62 17.81
CA ALA A 172 -0.23 -13.06 17.59
C ALA A 172 -1.08 -13.59 16.43
N GLY A 173 -2.33 -13.12 16.30
CA GLY A 173 -3.26 -13.67 15.29
C GLY A 173 -2.73 -13.29 13.90
N MET A 174 -2.13 -12.12 13.79
CA MET A 174 -1.54 -11.67 12.52
C MET A 174 -0.27 -12.46 12.21
N HIS A 175 0.62 -12.59 13.20
CA HIS A 175 1.89 -13.30 13.00
C HIS A 175 1.64 -14.73 12.52
N ALA A 176 0.64 -15.41 13.13
CA ALA A 176 0.30 -16.79 12.74
C ALA A 176 -0.08 -16.91 11.28
N GLN A 177 -0.58 -15.82 10.66
CA GLN A 177 -1.03 -15.89 9.24
C GLN A 177 -0.01 -15.25 8.31
N SER A 178 1.16 -15.90 8.24
CA SER A 178 2.32 -15.41 7.49
C SER A 178 2.59 -13.90 7.75
N GLY A 179 2.56 -13.48 9.01
CA GLY A 179 2.67 -12.06 9.37
C GLY A 179 3.91 -11.83 10.21
N LEU A 180 4.91 -12.69 10.06
CA LEU A 180 6.12 -12.51 10.85
C LEU A 180 7.32 -12.71 9.92
N ILE A 181 8.41 -11.98 10.15
CA ILE A 181 9.66 -12.15 9.39
C ILE A 181 10.82 -12.21 10.42
N PRO A 182 12.01 -12.76 10.04
CA PRO A 182 13.16 -12.77 10.98
C PRO A 182 13.66 -11.38 11.33
N ASP A 183 14.44 -11.32 12.41
CA ASP A 183 15.09 -10.11 12.89
C ASP A 183 14.13 -9.02 13.32
N VAL A 184 13.02 -9.41 13.94
CA VAL A 184 12.15 -8.46 14.62
C VAL A 184 12.01 -9.01 16.04
N HIS A 185 12.23 -8.18 17.04
CA HIS A 185 12.18 -8.59 18.44
C HIS A 185 11.10 -7.73 19.15
N HIS A 186 10.23 -8.35 19.96
CA HIS A 186 9.15 -7.58 20.62
C HIS A 186 9.39 -7.49 22.10
N ILE A 187 9.46 -6.28 22.65
CA ILE A 187 9.48 -6.14 24.12
C ILE A 187 8.04 -5.92 24.62
N ASN A 188 7.84 -5.95 25.94
CA ASN A 188 6.54 -5.69 26.56
C ASN A 188 5.97 -4.29 26.35
N GLN A 189 4.64 -4.21 26.47
CA GLN A 189 3.90 -2.97 26.27
C GLN A 189 3.66 -2.27 27.62
N PRO A 190 3.65 -0.93 27.65
CA PRO A 190 3.44 -0.25 28.94
C PRO A 190 1.96 -0.07 29.28
N ASN A 191 1.21 -1.18 29.33
CA ASN A 191 -0.18 -1.15 29.79
C ASN A 191 -0.22 -1.39 31.30
N TRP A 192 -0.20 -0.32 32.11
CA TRP A 192 -0.16 -0.48 33.58
C TRP A 192 -1.41 -1.17 34.11
N TRP A 193 -2.58 -0.74 33.64
CA TRP A 193 -3.84 -1.30 34.10
C TRP A 193 -3.83 -2.84 34.08
N ALA A 194 -3.44 -3.42 32.95
CA ALA A 194 -3.52 -4.84 32.75
C ALA A 194 -2.29 -5.59 33.28
N GLU A 195 -1.13 -4.96 33.18
CA GLU A 195 0.15 -5.66 33.38
C GLU A 195 1.01 -5.11 34.52
N GLY A 196 0.55 -4.05 35.16
CA GLY A 196 1.38 -3.38 36.17
C GLY A 196 1.66 -4.11 37.49
N GLY A 197 0.93 -5.20 37.76
CA GLY A 197 1.05 -5.96 39.02
C GLY A 197 0.87 -5.04 40.22
N ASP A 198 1.79 -5.14 41.17
CA ASP A 198 1.75 -4.28 42.36
C ASP A 198 2.61 -3.01 42.21
N MET A 199 3.16 -2.80 41.00
CA MET A 199 4.02 -1.61 40.75
C MET A 199 3.23 -0.32 40.69
N ASP A 200 3.85 0.75 41.16
CA ASP A 200 3.38 2.13 40.93
C ASP A 200 3.52 2.42 39.41
N PRO A 201 2.60 3.23 38.83
CA PRO A 201 2.69 3.43 37.37
C PRO A 201 4.03 3.98 36.88
N GLU A 202 4.66 4.87 37.64
CA GLU A 202 5.93 5.48 37.19
C GLU A 202 7.04 4.45 37.24
N GLU A 203 7.11 3.65 38.30
CA GLU A 203 8.09 2.57 38.34
C GLU A 203 7.86 1.57 37.20
N PHE A 204 6.60 1.23 36.96
CA PHE A 204 6.24 0.34 35.86
C PHE A 204 6.69 0.94 34.49
N GLY A 205 6.43 2.22 34.28
CA GLY A 205 6.90 2.90 33.05
C GLY A 205 8.42 2.83 32.83
N LEU A 206 9.19 3.06 33.90
CA LEU A 206 10.64 2.95 33.81
C LEU A 206 11.04 1.52 33.47
N ALA A 207 10.44 0.56 34.16
CA ALA A 207 10.82 -0.82 33.94
C ALA A 207 10.44 -1.23 32.51
N ARG A 208 9.27 -0.78 32.04
CA ARG A 208 8.82 -1.16 30.67
C ARG A 208 9.74 -0.54 29.63
N ALA A 209 10.20 0.69 29.84
CA ALA A 209 11.15 1.34 28.92
C ALA A 209 12.55 0.69 28.95
N ARG A 210 13.00 0.33 30.15
CA ARG A 210 14.31 -0.31 30.31
C ARG A 210 14.42 -1.67 29.63
N GLU A 211 13.29 -2.33 29.36
CA GLU A 211 13.34 -3.53 28.52
C GLU A 211 13.95 -3.27 27.15
N LEU A 212 13.90 -2.04 26.68
CA LEU A 212 14.53 -1.75 25.38
C LEU A 212 16.03 -1.90 25.51
N GLU A 213 16.57 -1.32 26.59
CA GLU A 213 18.02 -1.43 26.88
C GLU A 213 18.40 -2.90 27.04
N GLU A 214 17.62 -3.64 27.82
CA GLU A 214 17.91 -5.07 28.03
C GLU A 214 17.92 -5.85 26.71
N ALA A 215 16.95 -5.56 25.84
CA ALA A 215 16.86 -6.24 24.56
C ALA A 215 18.05 -5.87 23.68
N ILE A 216 18.42 -4.59 23.69
CA ILE A 216 19.54 -4.16 22.87
C ILE A 216 20.80 -4.92 23.31
N LEU A 217 21.02 -5.04 24.63
CA LEU A 217 22.23 -5.70 25.13
C LEU A 217 22.16 -7.24 24.96
N GLU A 218 20.96 -7.81 24.99
CA GLU A 218 20.82 -9.24 24.76
C GLU A 218 21.10 -9.55 23.29
N LEU A 219 20.52 -8.76 22.38
CA LEU A 219 20.78 -8.92 20.96
C LEU A 219 22.21 -8.49 20.50
N GLY A 220 22.81 -7.54 21.21
CA GLY A 220 24.04 -6.87 20.79
C GLY A 220 23.63 -5.62 20.03
N GLU A 221 24.12 -4.47 20.49
CA GLU A 221 23.89 -3.19 19.83
C GLU A 221 24.28 -3.28 18.37
N ASN A 222 25.38 -4.00 18.10
CA ASN A 222 25.88 -4.22 16.73
C ASN A 222 24.93 -5.01 15.81
N ARG A 223 23.83 -5.55 16.36
CA ARG A 223 22.87 -6.29 15.55
C ARG A 223 21.54 -5.53 15.39
N VAL A 224 21.42 -4.40 16.09
CA VAL A 224 20.14 -3.70 16.19
C VAL A 224 20.11 -2.50 15.28
N ALA A 225 19.18 -2.48 14.33
CA ALA A 225 19.03 -1.36 13.41
C ALA A 225 18.17 -0.21 13.96
N ALA A 226 17.08 -0.53 14.66
CA ALA A 226 16.08 0.47 15.01
C ALA A 226 15.10 -0.03 16.04
N PHE A 227 14.43 0.91 16.69
CA PHE A 227 13.27 0.65 17.51
C PHE A 227 12.12 1.43 16.91
N ILE A 228 10.93 0.81 16.83
CA ILE A 228 9.74 1.47 16.30
C ILE A 228 8.63 1.44 17.33
N ALA A 229 7.90 2.55 17.46
CA ALA A 229 6.78 2.61 18.38
C ALA A 229 5.78 3.72 17.99
N GLU A 230 4.49 3.45 18.22
CA GLU A 230 3.45 4.46 18.23
C GLU A 230 3.57 5.30 19.51
N PRO A 231 3.50 6.65 19.41
CA PRO A 231 3.57 7.41 20.67
C PRO A 231 2.47 6.98 21.70
N VAL A 232 1.29 6.65 21.18
CA VAL A 232 0.18 6.06 21.93
C VAL A 232 -0.26 4.84 21.11
N GLN A 233 -0.32 3.66 21.73
CA GLN A 233 -0.80 2.46 21.04
C GLN A 233 -2.27 2.57 20.68
N GLY A 234 -2.59 2.54 19.38
CA GLY A 234 -3.96 2.76 18.91
C GLY A 234 -4.78 1.49 18.82
N ALA A 235 -4.50 0.66 17.81
CA ALA A 235 -5.24 -0.57 17.60
C ALA A 235 -5.12 -1.52 18.79
N GLY A 236 -4.09 -1.33 19.60
CA GLY A 236 -3.92 -2.14 20.81
C GLY A 236 -4.83 -1.79 21.98
N GLY A 237 -5.61 -0.71 21.85
CA GLY A 237 -6.60 -0.38 22.86
C GLY A 237 -6.45 0.98 23.47
N VAL A 238 -5.91 1.93 22.68
CA VAL A 238 -5.45 3.25 23.20
C VAL A 238 -4.73 3.09 24.54
N ILE A 239 -3.50 2.61 24.44
CA ILE A 239 -2.68 2.34 25.64
C ILE A 239 -1.78 3.56 25.83
N VAL A 240 -2.01 4.29 26.91
CA VAL A 240 -1.24 5.48 27.19
C VAL A 240 -0.18 5.09 28.20
N ALA A 241 1.08 5.17 27.78
CA ALA A 241 2.20 4.85 28.69
C ALA A 241 2.19 5.81 29.87
N PRO A 242 2.63 5.36 31.08
CA PRO A 242 2.90 6.28 32.21
C PRO A 242 3.83 7.44 31.79
N ASP A 243 3.79 8.57 32.50
CA ASP A 243 4.58 9.76 32.11
C ASP A 243 6.10 9.46 32.05
N SER A 244 6.54 8.53 32.90
CA SER A 244 7.97 8.16 32.99
C SER A 244 8.50 7.42 31.75
N TYR A 245 7.59 6.82 30.97
CA TYR A 245 7.97 5.90 29.90
C TYR A 245 8.74 6.53 28.74
N TRP A 246 8.11 7.44 28.01
CA TRP A 246 8.78 8.09 26.90
C TRP A 246 10.12 8.82 27.18
N PRO A 247 10.23 9.57 28.33
CA PRO A 247 11.57 10.12 28.54
C PRO A 247 12.62 9.03 28.68
N GLU A 248 12.24 7.85 29.20
CA GLU A 248 13.24 6.81 29.40
C GLU A 248 13.57 6.09 28.06
N ILE A 249 12.55 5.86 27.21
CA ILE A 249 12.82 5.31 25.87
C ILE A 249 13.81 6.22 25.09
N GLN A 250 13.53 7.52 25.10
CA GLN A 250 14.37 8.51 24.45
C GLN A 250 15.78 8.51 25.02
N ARG A 251 15.93 8.41 26.34
CA ARG A 251 17.27 8.33 26.93
C ARG A 251 18.02 7.12 26.35
N ILE A 252 17.34 5.97 26.31
CA ILE A 252 17.93 4.74 25.77
C ILE A 252 18.26 4.84 24.28
N CYS A 253 17.38 5.48 23.51
CA CYS A 253 17.62 5.69 22.07
C CYS A 253 18.76 6.67 21.80
N ASP A 254 19.05 7.57 22.76
CA ASP A 254 20.22 8.46 22.72
C ASP A 254 21.45 7.63 23.05
N LYS A 255 21.39 6.91 24.18
CA LYS A 255 22.47 6.05 24.64
C LYS A 255 23.02 5.07 23.59
N TYR A 256 22.14 4.36 22.91
CA TYR A 256 22.62 3.32 22.00
C TYR A 256 22.57 3.78 20.54
N ASP A 257 23.42 3.22 19.69
CA ASP A 257 23.44 3.67 18.30
C ASP A 257 22.39 2.95 17.41
N ILE A 258 21.12 3.30 17.61
CA ILE A 258 20.03 2.73 16.81
C ILE A 258 19.13 3.87 16.32
N LEU A 259 18.37 3.61 15.26
CA LEU A 259 17.48 4.64 14.75
C LEU A 259 16.14 4.52 15.44
N LEU A 260 15.48 5.66 15.65
CA LEU A 260 14.17 5.67 16.27
C LEU A 260 13.10 6.00 15.22
N ILE A 261 12.14 5.09 15.10
CA ILE A 261 10.95 5.32 14.26
C ILE A 261 9.73 5.57 15.15
N ALA A 262 9.15 6.76 15.02
CA ALA A 262 7.86 7.08 15.61
C ALA A 262 6.78 6.80 14.58
N ASP A 263 5.92 5.83 14.87
CA ASP A 263 4.84 5.54 13.95
C ASP A 263 3.70 6.50 14.25
N GLU A 264 3.49 7.44 13.34
CA GLU A 264 2.52 8.51 13.53
C GLU A 264 1.27 8.28 12.70
N VAL A 265 1.06 7.04 12.30
CA VAL A 265 -0.06 6.76 11.40
C VAL A 265 -1.42 7.20 12.03
N ILE A 266 -1.66 6.82 13.29
CA ILE A 266 -2.83 7.29 14.02
C ILE A 266 -2.62 8.65 14.71
N CYS A 267 -1.49 8.80 15.42
CA CYS A 267 -1.28 9.96 16.25
C CYS A 267 -1.08 11.26 15.47
N GLY A 268 -0.80 11.15 14.20
CA GLY A 268 -0.48 12.31 13.37
C GLY A 268 -1.67 13.18 13.04
N PHE A 269 -1.35 14.41 12.69
CA PHE A 269 -2.27 15.38 12.15
C PHE A 269 -3.40 15.78 13.10
N GLY A 270 -3.00 16.12 14.34
CA GLY A 270 -3.92 16.78 15.31
C GLY A 270 -4.50 15.84 16.34
N ARG A 271 -4.30 14.53 16.13
CA ARG A 271 -4.99 13.51 16.90
C ARG A 271 -4.67 13.52 18.42
N THR A 272 -3.42 13.82 18.76
CA THR A 272 -3.01 13.99 20.14
C THR A 272 -3.02 15.46 20.56
N GLY A 273 -3.52 16.36 19.73
CA GLY A 273 -3.53 17.78 20.11
C GLY A 273 -2.33 18.55 19.59
N ASN A 274 -1.42 17.89 18.87
CA ASN A 274 -0.32 18.53 18.17
C ASN A 274 -0.33 18.04 16.73
N TRP A 275 0.53 18.59 15.88
CA TRP A 275 0.71 17.97 14.56
C TRP A 275 1.16 16.49 14.66
N PHE A 276 1.98 16.15 15.68
CA PHE A 276 2.50 14.79 15.82
C PHE A 276 2.56 14.34 17.28
N GLY A 277 2.28 13.05 17.48
CA GLY A 277 2.43 12.44 18.80
C GLY A 277 3.83 12.64 19.34
N THR A 278 4.79 12.72 18.43
CA THR A 278 6.19 12.98 18.72
C THR A 278 6.35 14.26 19.52
N GLN A 279 5.66 15.33 19.09
CA GLN A 279 5.70 16.61 19.81
C GLN A 279 5.07 16.41 21.17
N THR A 280 3.87 15.82 21.22
CA THR A 280 3.19 15.60 22.48
C THR A 280 4.06 14.86 23.51
N MET A 281 4.67 13.75 23.09
CA MET A 281 5.54 12.99 23.99
C MET A 281 6.99 13.50 24.11
N GLY A 282 7.36 14.55 23.38
CA GLY A 282 8.74 15.06 23.47
C GLY A 282 9.84 14.13 22.96
N ILE A 283 9.58 13.36 21.91
CA ILE A 283 10.61 12.47 21.45
C ILE A 283 11.31 12.97 20.19
N ARG A 284 12.43 12.35 19.85
CA ARG A 284 13.25 12.84 18.74
C ARG A 284 13.57 11.72 17.75
N PRO A 285 12.55 11.30 16.95
CA PRO A 285 12.74 10.18 16.01
C PRO A 285 13.59 10.57 14.78
N HIS A 286 14.21 9.58 14.16
CA HIS A 286 14.90 9.77 12.88
C HIS A 286 13.93 9.65 11.69
N ILE A 287 12.84 8.92 11.92
CA ILE A 287 11.77 8.70 10.91
C ILE A 287 10.39 8.72 11.57
N MET A 288 9.43 9.36 10.91
CA MET A 288 8.02 9.26 11.29
C MET A 288 7.22 8.61 10.16
N THR A 289 6.32 7.68 10.51
CA THR A 289 5.43 7.06 9.52
C THR A 289 4.13 7.85 9.51
N ILE A 290 3.61 8.19 8.31
CA ILE A 290 2.35 8.98 8.23
C ILE A 290 1.38 8.34 7.26
N ALA A 291 0.08 8.53 7.51
CA ALA A 291 -1.02 8.12 6.62
C ALA A 291 -2.31 8.67 7.23
N LYS A 292 -3.44 7.98 7.07
CA LYS A 292 -4.69 8.36 7.75
C LYS A 292 -5.02 9.88 7.75
N GLY A 293 -4.79 10.56 8.88
CA GLY A 293 -5.05 11.96 9.03
C GLY A 293 -4.35 12.88 8.03
N LEU A 294 -3.26 12.40 7.41
CA LEU A 294 -2.58 13.14 6.32
C LEU A 294 -3.56 13.75 5.31
N SER A 295 -4.51 12.93 4.87
CA SER A 295 -5.54 13.40 3.93
C SER A 295 -6.98 13.35 4.50
N SER A 296 -7.08 13.21 5.82
CA SER A 296 -8.33 12.96 6.53
C SER A 296 -9.06 11.78 5.89
N GLY A 297 -8.30 10.85 5.31
CA GLY A 297 -8.89 9.67 4.66
C GLY A 297 -9.58 9.94 3.32
N TYR A 298 -9.62 11.20 2.86
CA TYR A 298 -10.29 11.53 1.55
C TYR A 298 -9.57 11.00 0.29
N ALA A 299 -8.30 10.62 0.43
CA ALA A 299 -7.56 10.01 -0.66
C ALA A 299 -6.49 9.07 -0.09
N PRO A 300 -6.26 7.92 -0.73
CA PRO A 300 -5.23 7.06 -0.14
C PRO A 300 -3.82 7.64 -0.32
N ILE A 301 -3.11 7.82 0.78
CA ILE A 301 -1.75 8.33 0.71
C ILE A 301 -1.07 8.12 2.06
N GLY A 302 0.22 7.81 1.99
CA GLY A 302 1.03 7.71 3.19
C GLY A 302 2.46 8.12 2.88
N GLY A 303 3.35 7.91 3.85
CA GLY A 303 4.76 8.16 3.60
C GLY A 303 5.64 8.10 4.83
N SER A 304 6.88 8.52 4.66
CA SER A 304 7.86 8.51 5.74
C SER A 304 8.56 9.84 5.73
N ILE A 305 8.63 10.49 6.88
CA ILE A 305 9.37 11.75 6.96
C ILE A 305 10.68 11.43 7.66
N VAL A 306 11.77 11.87 7.07
CA VAL A 306 13.10 11.32 7.38
C VAL A 306 14.05 12.48 7.69
N CYS A 307 14.84 12.30 8.75
CA CYS A 307 15.78 13.32 9.20
C CYS A 307 16.93 13.52 8.21
N ASP A 308 17.57 14.67 8.29
CA ASP A 308 18.58 15.06 7.29
C ASP A 308 19.66 14.00 7.09
N GLU A 309 20.24 13.49 8.17
CA GLU A 309 21.41 12.64 8.05
C GLU A 309 21.03 11.24 7.48
N VAL A 310 19.94 10.66 7.94
CA VAL A 310 19.43 9.42 7.32
C VAL A 310 19.12 9.62 5.85
N ALA A 311 18.42 10.70 5.51
CA ALA A 311 18.11 10.99 4.10
C ALA A 311 19.40 11.12 3.23
N HIS A 312 20.39 11.80 3.78
CA HIS A 312 21.62 12.00 3.07
C HIS A 312 22.32 10.68 2.80
N VAL A 313 22.40 9.82 3.83
CA VAL A 313 23.07 8.54 3.67
C VAL A 313 22.33 7.61 2.64
N ILE A 314 21.00 7.54 2.74
CA ILE A 314 20.15 6.80 1.78
C ILE A 314 20.30 7.34 0.35
N GLY A 315 20.45 8.66 0.24
CA GLY A 315 20.59 9.35 -1.03
C GLY A 315 21.90 9.14 -1.77
N LYS A 316 22.88 8.53 -1.11
CA LYS A 316 24.23 8.39 -1.68
C LYS A 316 24.30 7.33 -2.78
N ASP A 317 23.35 6.41 -2.80
CA ASP A 317 23.32 5.34 -3.79
C ASP A 317 21.89 5.10 -4.17
N GLU A 318 21.69 4.25 -5.17
CA GLU A 318 20.37 3.78 -5.59
C GLU A 318 19.64 3.14 -4.39
N PHE A 319 18.46 3.67 -4.07
CA PHE A 319 17.57 3.04 -3.09
C PHE A 319 16.45 2.37 -3.91
N ASN A 320 16.57 1.06 -4.08
CA ASN A 320 15.77 0.29 -5.02
C ASN A 320 14.41 -0.04 -4.40
N HIS A 321 13.57 0.98 -4.27
CA HIS A 321 12.33 0.86 -3.53
C HIS A 321 11.35 1.99 -3.98
N GLY A 322 10.06 1.69 -3.98
CA GLY A 322 9.05 2.72 -4.20
C GLY A 322 7.88 2.15 -4.92
N TYR A 323 6.80 2.92 -4.98
CA TYR A 323 5.51 2.37 -5.38
C TYR A 323 4.96 3.16 -6.56
N THR A 324 4.21 2.48 -7.41
CA THR A 324 3.64 3.12 -8.59
C THR A 324 2.96 4.41 -8.20
N TYR A 325 2.17 4.34 -7.13
CA TYR A 325 1.35 5.46 -6.65
C TYR A 325 2.02 6.35 -5.59
N SER A 326 3.33 6.15 -5.39
CA SER A 326 4.14 7.07 -4.57
C SER A 326 3.98 8.47 -5.13
N GLY A 327 3.47 9.36 -4.31
CA GLY A 327 3.32 10.78 -4.62
C GLY A 327 2.14 11.11 -5.49
N HIS A 328 1.23 10.14 -5.70
CA HIS A 328 0.07 10.29 -6.61
C HIS A 328 -0.44 11.74 -6.59
N PRO A 329 -0.48 12.41 -7.76
CA PRO A 329 -0.72 13.87 -7.69
C PRO A 329 -2.14 14.26 -7.23
N VAL A 330 -3.15 13.43 -7.47
CA VAL A 330 -4.49 13.73 -6.96
C VAL A 330 -4.50 13.53 -5.44
N ALA A 331 -4.02 12.38 -4.97
CA ALA A 331 -3.93 12.14 -3.53
C ALA A 331 -3.12 13.22 -2.82
N ALA A 332 -2.02 13.64 -3.45
CA ALA A 332 -1.13 14.64 -2.89
C ALA A 332 -1.80 16.04 -2.84
N ALA A 333 -2.56 16.39 -3.87
CA ALA A 333 -3.33 17.66 -3.89
C ALA A 333 -4.40 17.66 -2.80
N VAL A 334 -5.09 16.54 -2.67
CA VAL A 334 -6.08 16.39 -1.63
C VAL A 334 -5.43 16.53 -0.25
N ALA A 335 -4.29 15.86 -0.04
CA ALA A 335 -3.59 15.93 1.25
C ALA A 335 -3.19 17.35 1.57
N LEU A 336 -2.59 18.05 0.60
CA LEU A 336 -2.25 19.46 0.80
C LEU A 336 -3.46 20.32 1.21
N GLU A 337 -4.60 20.14 0.58
CA GLU A 337 -5.80 20.89 0.92
C GLU A 337 -6.32 20.52 2.33
N ASN A 338 -6.22 19.25 2.67
CA ASN A 338 -6.54 18.80 4.04
C ASN A 338 -5.70 19.53 5.09
N LEU A 339 -4.39 19.53 4.88
CA LEU A 339 -3.46 20.26 5.74
C LEU A 339 -3.73 21.78 5.78
N ARG A 340 -4.10 22.36 4.63
CA ARG A 340 -4.49 23.77 4.59
C ARG A 340 -5.68 24.04 5.54
N ILE A 341 -6.70 23.20 5.48
CA ILE A 341 -7.86 23.34 6.32
C ILE A 341 -7.52 23.18 7.81
N LEU A 342 -6.72 22.16 8.12
CA LEU A 342 -6.32 21.94 9.49
C LEU A 342 -5.61 23.15 10.05
N GLU A 343 -4.69 23.69 9.24
CA GLU A 343 -3.87 24.84 9.61
C GLU A 343 -4.64 26.17 9.56
N GLU A 344 -5.27 26.50 8.44
CA GLU A 344 -5.92 27.82 8.31
C GLU A 344 -7.24 27.98 9.04
N GLU A 345 -7.95 26.90 9.32
CA GLU A 345 -9.15 27.02 10.17
C GLU A 345 -8.79 26.72 11.62
N ASN A 346 -7.50 26.70 11.93
CA ASN A 346 -7.01 26.49 13.32
C ASN A 346 -7.65 25.31 14.04
N ILE A 347 -7.74 24.17 13.37
CA ILE A 347 -8.36 23.03 13.99
C ILE A 347 -7.57 22.55 15.21
N LEU A 348 -6.24 22.68 15.20
CA LEU A 348 -5.48 22.24 16.38
C LEU A 348 -5.82 23.06 17.64
N ASP A 349 -6.12 24.37 17.46
CA ASP A 349 -6.61 25.21 18.56
C ASP A 349 -7.98 24.73 19.02
N HIS A 350 -8.84 24.39 18.08
CA HIS A 350 -10.14 23.82 18.46
C HIS A 350 -9.91 22.59 19.35
N VAL A 351 -9.02 21.70 18.93
CA VAL A 351 -8.69 20.53 19.76
C VAL A 351 -8.11 20.89 21.15
N ARG A 352 -7.04 21.67 21.15
CA ARG A 352 -6.36 21.98 22.41
C ARG A 352 -7.23 22.80 23.39
N ASN A 353 -7.97 23.79 22.88
CA ASN A 353 -8.70 24.72 23.74
C ASN A 353 -10.12 24.33 24.02
N VAL A 354 -10.73 23.58 23.13
CA VAL A 354 -12.18 23.32 23.25
C VAL A 354 -12.52 21.82 23.37
N ALA A 355 -12.31 21.03 22.30
CA ALA A 355 -12.71 19.62 22.23
C ALA A 355 -11.95 18.73 23.22
N ALA A 356 -10.61 18.83 23.24
CA ALA A 356 -9.86 17.91 24.08
C ALA A 356 -10.17 18.10 25.57
N PRO A 357 -10.14 19.36 26.07
CA PRO A 357 -10.41 19.49 27.50
C PRO A 357 -11.83 19.06 27.85
N TYR A 358 -12.80 19.34 26.97
CA TYR A 358 -14.19 18.95 27.24
C TYR A 358 -14.34 17.41 27.24
N LEU A 359 -13.78 16.78 26.22
CA LEU A 359 -13.78 15.35 26.08
C LEU A 359 -13.08 14.68 27.29
N LYS A 360 -11.96 15.25 27.70
CA LYS A 360 -11.22 14.68 28.82
C LYS A 360 -12.08 14.69 30.06
N GLU A 361 -12.74 15.80 30.33
CA GLU A 361 -13.58 15.92 31.50
C GLU A 361 -14.66 14.83 31.58
N LYS A 362 -15.43 14.69 30.49
CA LYS A 362 -16.49 13.69 30.43
C LYS A 362 -15.94 12.26 30.34
N TRP A 363 -14.83 12.05 29.63
CA TRP A 363 -14.31 10.70 29.43
C TRP A 363 -13.86 10.12 30.77
N GLU A 364 -13.12 10.92 31.54
CA GLU A 364 -12.51 10.45 32.78
C GLU A 364 -13.56 10.22 33.84
N ALA A 365 -14.70 10.94 33.73
CA ALA A 365 -15.84 10.73 34.63
C ALA A 365 -16.55 9.41 34.36
N LEU A 366 -16.18 8.71 33.28
CA LEU A 366 -16.84 7.43 32.99
C LEU A 366 -16.56 6.39 34.07
N THR A 367 -15.51 6.60 34.87
CA THR A 367 -15.17 5.65 35.93
C THR A 367 -16.23 5.60 37.05
N ASP A 368 -17.24 6.46 37.03
CA ASP A 368 -18.34 6.23 37.97
C ASP A 368 -19.28 5.12 37.55
N HIS A 369 -19.12 4.62 36.31
CA HIS A 369 -19.97 3.53 35.86
C HIS A 369 -19.48 2.20 36.46
N PRO A 370 -20.41 1.32 36.93
CA PRO A 370 -19.96 0.08 37.58
C PRO A 370 -18.97 -0.79 36.77
N LEU A 371 -19.07 -0.77 35.44
CA LEU A 371 -18.17 -1.58 34.57
C LEU A 371 -16.82 -0.94 34.30
N VAL A 372 -16.67 0.36 34.57
CA VAL A 372 -15.53 1.13 34.02
C VAL A 372 -14.42 1.34 35.07
N GLY A 373 -13.29 0.67 34.86
CA GLY A 373 -12.21 0.71 35.83
C GLY A 373 -11.24 1.87 35.63
N GLU A 374 -10.82 2.12 34.38
CA GLU A 374 -10.02 3.30 34.06
C GLU A 374 -10.54 3.92 32.77
N ALA A 375 -10.19 5.19 32.59
CA ALA A 375 -10.57 5.97 31.45
C ALA A 375 -9.32 6.77 31.10
N LYS A 376 -8.74 6.50 29.93
CA LYS A 376 -7.42 7.07 29.55
C LYS A 376 -7.67 7.85 28.29
N ILE A 377 -6.97 8.96 28.10
CA ILE A 377 -7.25 9.84 26.99
C ILE A 377 -6.00 10.67 26.75
N VAL A 378 -5.58 10.71 25.48
CA VAL A 378 -4.58 11.68 25.01
C VAL A 378 -5.19 12.46 23.83
N GLY A 379 -5.44 13.76 23.98
CA GLY A 379 -5.98 14.55 22.89
C GLY A 379 -7.36 13.97 22.54
N MET A 380 -7.49 13.49 21.31
CA MET A 380 -8.76 13.00 20.78
C MET A 380 -8.76 11.47 20.54
N MET A 381 -7.96 10.72 21.31
CA MET A 381 -7.99 9.25 21.30
C MET A 381 -8.14 8.76 22.74
N ALA A 382 -9.08 7.84 22.98
CA ALA A 382 -9.38 7.50 24.36
C ALA A 382 -9.80 6.05 24.53
N SER A 383 -9.56 5.51 25.72
CA SER A 383 -10.06 4.18 25.99
C SER A 383 -10.60 4.02 27.40
N ILE A 384 -11.51 3.06 27.56
CA ILE A 384 -11.89 2.58 28.89
C ILE A 384 -11.63 1.09 29.05
N ALA A 385 -11.27 0.69 30.28
CA ALA A 385 -11.13 -0.72 30.64
C ALA A 385 -12.37 -1.18 31.38
N LEU A 386 -13.00 -2.22 30.87
CA LEU A 386 -14.20 -2.78 31.46
C LEU A 386 -13.72 -3.82 32.47
N THR A 387 -14.37 -3.87 33.62
CA THR A 387 -13.93 -4.71 34.72
C THR A 387 -15.14 -5.09 35.59
N PRO A 388 -15.14 -6.31 36.15
CA PRO A 388 -16.15 -6.65 37.16
C PRO A 388 -15.75 -6.16 38.57
N ASN A 389 -14.55 -5.65 38.72
CA ASN A 389 -14.06 -5.21 40.04
C ASN A 389 -12.90 -4.24 39.92
N LYS A 390 -13.20 -2.93 39.91
CA LYS A 390 -12.15 -1.94 39.71
C LYS A 390 -11.10 -1.96 40.79
N ALA A 391 -11.48 -2.38 42.00
CA ALA A 391 -10.60 -2.22 43.17
C ALA A 391 -9.34 -3.09 43.07
N SER A 392 -9.45 -4.25 42.40
CA SER A 392 -8.29 -5.10 42.15
C SER A 392 -7.90 -5.09 40.66
N ARG A 393 -8.41 -4.10 39.92
CA ARG A 393 -8.22 -4.02 38.47
C ARG A 393 -8.52 -5.37 37.83
N ALA A 394 -9.61 -6.00 38.26
CA ALA A 394 -9.85 -7.38 37.87
C ALA A 394 -10.11 -7.52 36.36
N LYS A 395 -9.62 -8.62 35.82
CA LYS A 395 -10.03 -9.04 34.50
C LYS A 395 -11.30 -9.91 34.64
N PHE A 396 -12.15 -9.96 33.63
CA PHE A 396 -13.28 -10.88 33.67
C PHE A 396 -12.76 -12.31 33.67
N ALA A 397 -13.59 -13.23 34.15
CA ALA A 397 -13.29 -14.66 34.07
C ALA A 397 -13.22 -15.13 32.62
N SER A 398 -14.12 -14.61 31.79
CA SER A 398 -14.12 -14.88 30.34
C SER A 398 -12.84 -14.39 29.63
N GLU A 399 -12.43 -15.11 28.58
CA GLU A 399 -11.36 -14.69 27.67
C GLU A 399 -11.57 -13.22 27.26
N PRO A 400 -10.49 -12.38 27.33
CA PRO A 400 -10.64 -10.96 26.97
C PRO A 400 -11.24 -10.81 25.59
N GLY A 401 -12.16 -9.86 25.42
CA GLY A 401 -12.88 -9.69 24.16
C GLY A 401 -14.29 -10.21 24.25
N THR A 402 -14.54 -11.12 25.21
CA THR A 402 -15.89 -11.69 25.38
C THR A 402 -16.81 -10.54 25.82
N ILE A 403 -16.37 -9.79 26.82
CA ILE A 403 -17.14 -8.68 27.34
C ILE A 403 -17.06 -7.50 26.39
N GLY A 404 -15.88 -7.27 25.79
CA GLY A 404 -15.73 -6.16 24.85
C GLY A 404 -16.67 -6.32 23.66
N TYR A 405 -16.80 -7.55 23.17
CA TYR A 405 -17.74 -7.84 22.07
C TYR A 405 -19.19 -7.46 22.42
N ILE A 406 -19.64 -7.87 23.61
CA ILE A 406 -21.01 -7.59 24.03
C ILE A 406 -21.27 -6.08 24.02
N CYS A 407 -20.29 -5.33 24.53
CA CYS A 407 -20.41 -3.87 24.58
C CYS A 407 -20.44 -3.23 23.19
N ARG A 408 -19.57 -3.70 22.32
CA ARG A 408 -19.38 -3.16 20.97
C ARG A 408 -20.69 -3.34 20.19
N GLU A 409 -21.29 -4.51 20.40
CA GLU A 409 -22.59 -4.83 19.78
C GLU A 409 -23.65 -3.90 20.31
N ARG A 410 -23.61 -3.55 21.60
CA ARG A 410 -24.55 -2.56 22.12
C ARG A 410 -24.28 -1.21 21.47
N CYS A 411 -23.00 -0.79 21.36
CA CYS A 411 -22.70 0.50 20.68
C CYS A 411 -23.25 0.55 19.24
N PHE A 412 -23.00 -0.50 18.47
CA PHE A 412 -23.40 -0.57 17.05
C PHE A 412 -24.93 -0.45 16.89
N ALA A 413 -25.66 -1.12 17.79
CA ALA A 413 -27.13 -1.13 17.81
C ALA A 413 -27.67 0.23 18.22
N ASN A 414 -26.89 0.94 19.04
CA ASN A 414 -27.22 2.30 19.45
C ASN A 414 -26.65 3.37 18.50
N ASN A 415 -26.27 2.95 17.28
CA ASN A 415 -25.76 3.88 16.26
C ASN A 415 -24.60 4.76 16.76
N LEU A 416 -23.62 4.09 17.37
CA LEU A 416 -22.43 4.76 17.87
C LEU A 416 -21.29 3.88 17.43
N ILE A 417 -20.29 4.43 16.73
CA ILE A 417 -19.09 3.65 16.38
C ILE A 417 -18.03 3.78 17.48
N MET A 418 -18.13 2.90 18.48
CA MET A 418 -17.10 2.73 19.49
C MET A 418 -16.72 1.25 19.39
N ARG A 419 -15.41 0.98 19.32
CA ARG A 419 -14.94 -0.40 19.10
C ARG A 419 -14.34 -1.00 20.36
N HIS A 420 -14.18 -2.32 20.36
CA HIS A 420 -13.49 -3.00 21.46
C HIS A 420 -12.15 -3.54 21.05
N VAL A 421 -11.22 -3.58 22.00
CA VAL A 421 -10.01 -4.35 21.83
C VAL A 421 -9.85 -5.10 23.11
N GLY A 422 -10.02 -6.42 23.06
CA GLY A 422 -10.12 -7.21 24.30
C GLY A 422 -11.31 -6.64 25.08
N ASP A 423 -11.08 -6.32 26.34
CA ASP A 423 -12.14 -5.69 27.14
C ASP A 423 -11.93 -4.18 27.33
N ARG A 424 -11.17 -3.57 26.41
CA ARG A 424 -11.11 -2.13 26.30
C ARG A 424 -12.03 -1.64 25.19
N MET A 425 -12.75 -0.55 25.47
CA MET A 425 -13.50 0.17 24.44
C MET A 425 -12.72 1.42 24.05
N ILE A 426 -12.75 1.75 22.76
CA ILE A 426 -11.96 2.87 22.23
C ILE A 426 -12.79 3.83 21.37
N ILE A 427 -12.42 5.11 21.41
CA ILE A 427 -12.92 6.11 20.46
C ILE A 427 -11.77 6.97 19.93
N SER A 428 -12.03 7.60 18.80
CA SER A 428 -11.10 8.41 18.02
C SER A 428 -11.94 9.32 17.12
N PRO A 429 -12.71 10.26 17.71
CA PRO A 429 -13.68 10.98 16.87
C PRO A 429 -13.06 12.05 15.94
N PRO A 430 -13.79 12.52 14.92
CA PRO A 430 -13.27 13.66 14.14
C PRO A 430 -12.78 14.80 15.05
N LEU A 431 -11.63 15.41 14.73
CA LEU A 431 -11.11 16.52 15.55
C LEU A 431 -12.14 17.66 15.73
N VAL A 432 -13.02 17.83 14.75
CA VAL A 432 -13.91 18.99 14.69
C VAL A 432 -15.21 18.82 15.49
N ILE A 433 -15.34 17.70 16.23
CA ILE A 433 -16.54 17.43 17.04
C ILE A 433 -16.74 18.61 18.01
N THR A 434 -17.99 18.98 18.25
CA THR A 434 -18.32 20.15 19.08
C THR A 434 -18.65 19.64 20.49
N PRO A 435 -18.56 20.49 21.52
CA PRO A 435 -19.06 19.96 22.83
C PRO A 435 -20.47 19.34 22.77
N ALA A 436 -21.38 19.94 22.00
CA ALA A 436 -22.74 19.39 21.92
C ALA A 436 -22.75 18.00 21.30
N GLU A 437 -21.97 17.79 20.24
CA GLU A 437 -21.89 16.45 19.64
C GLU A 437 -21.26 15.49 20.65
N ILE A 438 -20.26 15.96 21.39
CA ILE A 438 -19.64 15.14 22.42
C ILE A 438 -20.70 14.69 23.45
N ASP A 439 -21.61 15.59 23.84
CA ASP A 439 -22.67 15.24 24.80
C ASP A 439 -23.51 14.11 24.25
N GLU A 440 -23.87 14.19 22.97
CA GLU A 440 -24.72 13.19 22.37
C GLU A 440 -23.99 11.83 22.29
N MET A 441 -22.72 11.85 21.96
CA MET A 441 -21.85 10.67 22.04
C MET A 441 -21.95 10.03 23.42
N PHE A 442 -21.81 10.80 24.49
CA PHE A 442 -21.91 10.25 25.86
C PHE A 442 -23.28 9.72 26.28
N VAL A 443 -24.37 10.37 25.80
CA VAL A 443 -25.69 9.77 25.96
C VAL A 443 -25.66 8.34 25.39
N ARG A 444 -25.13 8.17 24.19
CA ARG A 444 -25.07 6.82 23.57
C ARG A 444 -24.06 5.86 24.28
N ILE A 445 -22.94 6.41 24.76
CA ILE A 445 -21.93 5.60 25.49
C ILE A 445 -22.53 5.03 26.77
N ARG A 446 -23.13 5.90 27.58
CA ARG A 446 -23.70 5.44 28.86
C ARG A 446 -24.84 4.45 28.65
N LYS A 447 -25.68 4.69 27.65
CA LYS A 447 -26.76 3.77 27.34
C LYS A 447 -26.13 2.41 26.99
N SER A 448 -25.12 2.42 26.11
CA SER A 448 -24.47 1.18 25.67
C SER A 448 -23.82 0.44 26.84
N LEU A 449 -23.19 1.17 27.75
CA LEU A 449 -22.60 0.55 28.95
C LEU A 449 -23.66 -0.10 29.87
N ASP A 450 -24.78 0.59 30.08
CA ASP A 450 -25.86 0.02 30.88
C ASP A 450 -26.39 -1.26 30.24
N GLU A 451 -26.69 -1.24 28.95
CA GLU A 451 -27.17 -2.44 28.24
C GLU A 451 -26.10 -3.55 28.21
N ALA A 452 -24.83 -3.17 28.18
CA ALA A 452 -23.76 -4.16 28.20
C ALA A 452 -23.71 -4.88 29.53
N GLN A 453 -23.79 -4.10 30.60
CA GLN A 453 -23.83 -4.63 31.95
C GLN A 453 -24.98 -5.62 32.12
N ALA A 454 -26.16 -5.28 31.60
CA ALA A 454 -27.31 -6.18 31.70
C ALA A 454 -27.13 -7.45 30.89
N GLU A 455 -26.56 -7.32 29.68
CA GLU A 455 -26.31 -8.47 28.83
C GLU A 455 -25.26 -9.37 29.47
N ILE A 456 -24.18 -8.77 30.00
CA ILE A 456 -23.18 -9.56 30.76
C ILE A 456 -23.87 -10.34 31.92
N GLU A 457 -24.72 -9.65 32.70
CA GLU A 457 -25.45 -10.34 33.77
C GLU A 457 -26.34 -11.45 33.22
N LYS A 458 -27.03 -11.19 32.11
CA LYS A 458 -27.92 -12.19 31.55
C LYS A 458 -27.12 -13.44 31.15
N GLN A 459 -25.95 -13.25 30.54
CA GLN A 459 -25.15 -14.40 30.16
C GLN A 459 -24.45 -15.08 31.35
N GLY A 460 -24.51 -14.51 32.55
CA GLY A 460 -23.79 -15.11 33.69
C GLY A 460 -22.29 -14.84 33.69
N LEU A 461 -21.90 -13.72 33.09
CA LEU A 461 -20.48 -13.40 32.90
C LEU A 461 -19.88 -12.34 33.82
N MET A 462 -20.64 -11.87 34.82
CA MET A 462 -20.09 -10.86 35.74
C MET A 462 -19.29 -11.56 36.82
N LYS A 463 -18.13 -12.10 36.44
CA LYS A 463 -17.26 -12.81 37.35
C LYS A 463 -15.86 -12.37 37.01
N SER A 464 -14.98 -12.32 38.01
CA SER A 464 -13.59 -11.99 37.76
C SER A 464 -12.75 -13.23 37.54
N GLU A 465 -11.56 -13.02 37.02
CA GLU A 465 -10.62 -14.10 36.78
C GLU A 465 -10.28 -14.78 38.10
N GLY A 466 -10.27 -16.11 38.06
CA GLY A 466 -10.02 -16.91 39.25
C GLY A 466 -11.30 -17.25 39.97
N HIS A 467 -12.44 -16.81 39.43
CA HIS A 467 -13.72 -16.95 40.10
C HIS A 467 -14.87 -17.41 39.17
N HIS A 468 -14.58 -18.30 38.22
CA HIS A 468 -15.60 -19.03 37.41
C HIS A 468 -16.59 -19.88 38.24
N HIS A 469 -16.08 -20.54 39.28
CA HIS A 469 -16.85 -21.59 39.99
C HIS A 469 -18.19 -21.14 40.67
N ILE B 6 4.12 28.09 -4.43
CA ILE B 6 4.47 26.82 -5.15
C ILE B 6 3.35 26.36 -6.08
N THR B 7 3.44 26.80 -7.33
CA THR B 7 2.43 26.49 -8.36
C THR B 7 3.18 26.11 -9.63
N ASN B 8 2.43 25.69 -10.66
CA ASN B 8 2.98 25.49 -12.02
C ASN B 8 3.53 26.80 -12.62
N HIS B 9 3.20 27.94 -11.98
CA HIS B 9 3.70 29.29 -12.30
C HIS B 9 5.12 29.64 -11.75
N MET B 10 5.60 28.92 -10.73
CA MET B 10 6.97 29.06 -10.19
C MET B 10 8.00 28.65 -11.26
N PRO B 11 9.12 29.38 -11.36
CA PRO B 11 10.13 29.01 -12.36
C PRO B 11 10.65 27.59 -12.12
N THR B 12 10.92 26.89 -13.21
CA THR B 12 11.32 25.48 -13.17
C THR B 12 12.51 25.22 -12.22
N ALA B 13 13.51 26.10 -12.25
CA ALA B 13 14.70 25.97 -11.40
C ALA B 13 14.37 25.99 -9.92
N GLU B 14 13.36 26.79 -9.54
CA GLU B 14 12.93 26.85 -8.14
C GLU B 14 12.14 25.62 -7.75
N LEU B 15 11.34 25.09 -8.68
CA LEU B 15 10.58 23.86 -8.43
C LEU B 15 11.56 22.69 -8.20
N GLN B 16 12.58 22.60 -9.07
CA GLN B 16 13.59 21.59 -8.93
C GLN B 16 14.29 21.68 -7.59
N ALA B 17 14.59 22.91 -7.17
CA ALA B 17 15.30 23.14 -5.89
C ALA B 17 14.42 22.69 -4.72
N LEU B 18 13.13 23.01 -4.75
CA LEU B 18 12.23 22.52 -3.72
C LEU B 18 12.09 21.00 -3.73
N ASP B 19 12.02 20.40 -4.90
CA ASP B 19 11.95 18.95 -4.98
C ASP B 19 13.20 18.30 -4.35
N ALA B 20 14.36 18.80 -4.72
CA ALA B 20 15.62 18.26 -4.20
C ALA B 20 15.68 18.41 -2.68
N ALA B 21 15.14 19.49 -2.14
CA ALA B 21 15.25 19.75 -0.72
C ALA B 21 14.37 18.81 0.15
N HIS B 22 13.29 18.24 -0.43
CA HIS B 22 12.30 17.58 0.44
C HIS B 22 11.72 16.27 -0.09
N HIS B 23 11.91 15.98 -1.38
CA HIS B 23 11.20 14.85 -1.96
C HIS B 23 12.18 13.71 -2.29
N LEU B 24 11.98 12.57 -1.63
CA LEU B 24 12.77 11.37 -1.94
C LEU B 24 12.03 10.50 -2.94
N HIS B 25 12.66 10.30 -4.09
CA HIS B 25 12.08 9.62 -5.24
C HIS B 25 12.26 8.11 -5.18
N PRO B 26 11.23 7.34 -5.62
CA PRO B 26 11.41 5.88 -5.81
C PRO B 26 12.60 5.54 -6.74
N PHE B 27 13.16 4.35 -6.54
CA PHE B 27 14.21 3.80 -7.40
C PHE B 27 15.20 4.86 -7.91
N SER B 28 15.78 5.62 -6.99
CA SER B 28 16.70 6.68 -7.36
C SER B 28 17.93 6.76 -6.48
N ALA B 29 18.99 7.38 -7.02
CA ALA B 29 20.13 7.83 -6.22
C ALA B 29 19.84 9.30 -5.93
N ASN B 30 19.14 9.53 -4.83
CA ASN B 30 18.53 10.83 -4.58
C ASN B 30 19.45 12.04 -4.41
N ASN B 31 20.64 11.88 -3.82
CA ASN B 31 21.53 13.06 -3.73
C ASN B 31 21.87 13.56 -5.14
N ALA B 32 22.38 12.66 -5.99
CA ALA B 32 22.74 13.01 -7.38
C ALA B 32 21.52 13.48 -8.17
N LEU B 33 20.38 12.78 -8.02
CA LEU B 33 19.14 13.24 -8.63
C LEU B 33 18.84 14.70 -8.31
N GLY B 34 18.93 15.06 -7.02
CA GLY B 34 18.64 16.40 -6.58
C GLY B 34 19.55 17.45 -7.19
N GLU B 35 20.85 17.16 -7.31
CA GLU B 35 21.76 18.14 -7.91
C GLU B 35 21.60 18.22 -9.44
N GLU B 36 21.16 17.13 -10.06
CA GLU B 36 20.91 17.13 -11.51
C GLU B 36 19.61 17.89 -11.83
N GLY B 37 18.61 17.74 -10.96
CA GLY B 37 17.32 18.45 -11.15
C GLY B 37 16.33 17.54 -11.88
N THR B 38 15.11 17.46 -11.38
CA THR B 38 14.08 16.60 -11.99
C THR B 38 13.33 17.31 -13.12
N ARG B 39 12.72 16.53 -14.00
CA ARG B 39 11.81 17.09 -14.98
C ARG B 39 10.41 17.21 -14.34
N VAL B 40 9.82 18.40 -14.41
CA VAL B 40 8.53 18.67 -13.78
C VAL B 40 7.38 18.53 -14.79
N ILE B 41 6.55 17.49 -14.61
CA ILE B 41 5.37 17.27 -15.48
C ILE B 41 4.16 18.00 -14.93
N THR B 42 3.51 18.81 -15.76
CA THR B 42 2.43 19.73 -15.32
C THR B 42 1.02 19.40 -15.82
N ARG B 43 0.88 18.93 -17.07
CA ARG B 43 -0.44 18.51 -17.58
C ARG B 43 -0.25 17.42 -18.58
N ALA B 44 -1.39 16.77 -18.90
CA ALA B 44 -1.39 15.70 -19.88
C ALA B 44 -2.76 15.61 -20.54
N ARG B 45 -2.76 15.22 -21.81
CA ARG B 45 -4.00 14.92 -22.50
C ARG B 45 -3.76 13.88 -23.59
N GLY B 46 -4.61 12.88 -23.65
CA GLY B 46 -4.43 11.82 -24.65
C GLY B 46 -3.15 11.05 -24.39
N VAL B 47 -2.21 11.07 -25.34
CA VAL B 47 -0.95 10.37 -25.18
C VAL B 47 0.20 11.33 -24.88
N TRP B 48 -0.15 12.60 -24.62
CA TRP B 48 0.83 13.71 -24.57
C TRP B 48 0.97 14.30 -23.19
N LEU B 49 2.20 14.64 -22.80
CA LEU B 49 2.48 15.38 -21.59
C LEU B 49 3.04 16.77 -21.93
N ASN B 50 2.92 17.68 -20.97
CA ASN B 50 3.59 18.94 -20.98
C ASN B 50 4.41 18.97 -19.72
N ASP B 51 5.63 19.47 -19.83
CA ASP B 51 6.44 19.76 -18.65
C ASP B 51 6.40 21.26 -18.34
N SER B 52 7.08 21.68 -17.27
CA SER B 52 7.01 23.06 -16.77
C SER B 52 7.63 24.08 -17.71
N GLU B 53 8.40 23.59 -18.70
CA GLU B 53 8.97 24.43 -19.74
C GLU B 53 8.07 24.52 -20.98
N GLY B 54 7.01 23.72 -21.01
CA GLY B 54 6.13 23.72 -22.17
C GLY B 54 6.53 22.82 -23.32
N GLU B 55 7.35 21.80 -23.08
CA GLU B 55 7.56 20.74 -24.09
C GLU B 55 6.28 19.92 -24.31
N GLU B 56 6.12 19.42 -25.53
CA GLU B 56 5.05 18.47 -25.88
C GLU B 56 5.75 17.11 -25.94
N ILE B 57 5.36 16.21 -25.06
CA ILE B 57 6.08 14.96 -24.87
C ILE B 57 5.14 13.80 -25.15
N LEU B 58 5.60 12.84 -25.97
CA LEU B 58 4.83 11.64 -26.28
C LEU B 58 5.08 10.58 -25.19
N ASP B 59 4.07 10.30 -24.36
CA ASP B 59 4.24 9.34 -23.25
C ASP B 59 4.03 7.90 -23.72
N ALA B 60 5.11 7.29 -24.21
CA ALA B 60 5.02 5.90 -24.68
C ALA B 60 5.05 4.88 -23.56
N MET B 61 5.06 5.34 -22.32
CA MET B 61 5.02 4.48 -21.13
C MET B 61 3.69 4.52 -20.34
N ALA B 62 2.77 5.36 -20.80
CA ALA B 62 1.45 5.54 -20.13
C ALA B 62 1.57 5.75 -18.62
N GLY B 63 2.28 6.81 -18.22
CA GLY B 63 2.54 7.08 -16.81
C GLY B 63 3.62 6.11 -16.36
N LEU B 64 3.16 4.99 -15.81
CA LEU B 64 3.98 3.84 -15.41
C LEU B 64 3.19 2.52 -15.74
N TRP B 65 3.05 2.25 -17.03
CA TRP B 65 2.33 1.09 -17.55
C TRP B 65 0.88 1.10 -17.14
N CYS B 66 0.29 2.27 -16.93
CA CYS B 66 -0.95 2.29 -16.20
C CYS B 66 -2.07 3.20 -16.75
N VAL B 67 -1.74 4.21 -17.55
CA VAL B 67 -2.76 5.16 -17.98
C VAL B 67 -3.39 4.59 -19.25
N ASN B 68 -4.16 3.53 -19.06
CA ASN B 68 -4.61 2.70 -20.18
C ASN B 68 -5.62 3.41 -21.08
N ILE B 69 -6.55 4.18 -20.51
CA ILE B 69 -7.50 4.94 -21.34
C ILE B 69 -6.93 6.30 -21.81
N GLY B 70 -5.65 6.54 -21.52
CA GLY B 70 -5.04 7.81 -21.87
C GLY B 70 -5.38 8.90 -20.85
N TYR B 71 -4.68 10.04 -20.93
CA TYR B 71 -4.98 11.20 -20.10
C TYR B 71 -6.19 12.07 -20.59
N GLY B 72 -6.68 12.97 -19.74
CA GLY B 72 -7.73 13.90 -20.15
C GLY B 72 -9.14 13.31 -20.19
N ARG B 73 -9.36 12.17 -19.53
CA ARG B 73 -10.70 11.60 -19.41
C ARG B 73 -11.41 12.18 -18.18
N ASP B 74 -11.91 13.39 -18.36
CA ASP B 74 -12.52 14.19 -17.29
C ASP B 74 -13.80 13.58 -16.67
N GLU B 75 -14.41 12.61 -17.34
CA GLU B 75 -15.48 11.84 -16.73
C GLU B 75 -15.05 11.25 -15.38
N LEU B 76 -13.77 10.93 -15.22
CA LEU B 76 -13.34 10.28 -13.98
C LEU B 76 -13.20 11.34 -12.88
N ALA B 77 -12.88 12.58 -13.26
CA ALA B 77 -12.79 13.64 -12.24
C ALA B 77 -14.19 13.89 -11.71
N GLU B 78 -15.16 13.83 -12.62
CA GLU B 78 -16.55 14.10 -12.30
C GLU B 78 -17.08 13.06 -11.31
N VAL B 79 -16.77 11.80 -11.59
CA VAL B 79 -17.16 10.70 -10.73
C VAL B 79 -16.46 10.80 -9.35
N ALA B 80 -15.17 11.15 -9.35
CA ALA B 80 -14.44 11.28 -8.10
C ALA B 80 -15.04 12.37 -7.22
N ALA B 81 -15.32 13.56 -7.78
CA ALA B 81 -15.88 14.65 -6.98
C ALA B 81 -17.23 14.30 -6.36
N ARG B 82 -18.09 13.69 -7.17
CA ARG B 82 -19.40 13.27 -6.73
C ARG B 82 -19.30 12.25 -5.59
N GLN B 83 -18.42 11.26 -5.72
CA GLN B 83 -18.24 10.31 -4.62
C GLN B 83 -17.70 11.04 -3.39
N MET B 84 -16.72 11.92 -3.58
CA MET B 84 -16.08 12.57 -2.45
C MET B 84 -17.08 13.41 -1.66
N ARG B 85 -18.05 14.01 -2.34
CA ARG B 85 -19.08 14.79 -1.67
C ARG B 85 -20.06 13.92 -0.89
N GLU B 86 -20.47 12.79 -1.47
CA GLU B 86 -21.39 11.87 -0.82
C GLU B 86 -20.77 11.09 0.35
N LEU B 87 -19.68 10.36 0.09
CA LEU B 87 -19.00 9.55 1.10
C LEU B 87 -17.54 9.40 0.65
N PRO B 88 -16.66 10.29 1.13
CA PRO B 88 -15.24 10.34 0.70
C PRO B 88 -14.39 9.20 1.29
N TYR B 89 -14.84 8.64 2.40
CA TYR B 89 -14.17 7.50 3.00
C TYR B 89 -15.14 6.78 3.91
N TYR B 90 -15.11 5.45 3.86
CA TYR B 90 -15.54 4.62 5.00
C TYR B 90 -14.77 3.30 5.00
N ASN B 91 -14.63 2.65 6.15
CA ASN B 91 -13.87 1.42 6.21
C ASN B 91 -14.75 0.18 5.87
N THR B 92 -14.09 -0.91 5.49
CA THR B 92 -14.72 -2.20 5.23
C THR B 92 -14.43 -3.19 6.37
N PHE B 93 -13.94 -2.68 7.50
CA PHE B 93 -13.44 -3.52 8.59
C PHE B 93 -14.57 -3.87 9.57
N PHE B 94 -15.57 -2.98 9.71
CA PHE B 94 -16.48 -3.01 10.90
C PHE B 94 -17.80 -3.73 10.58
N LYS B 95 -17.72 -4.87 9.89
CA LYS B 95 -18.89 -5.50 9.29
C LYS B 95 -19.64 -4.49 8.42
N THR B 96 -18.84 -3.65 7.71
CA THR B 96 -19.39 -2.54 6.95
C THR B 96 -18.91 -2.60 5.52
N THR B 97 -19.67 -1.96 4.64
CA THR B 97 -19.24 -1.80 3.25
C THR B 97 -19.81 -0.46 2.70
N HIS B 98 -19.52 -0.19 1.43
CA HIS B 98 -20.16 0.92 0.76
C HIS B 98 -20.42 0.47 -0.66
N VAL B 99 -21.27 1.22 -1.36
CA VAL B 99 -21.72 0.81 -2.69
C VAL B 99 -20.58 0.80 -3.74
N PRO B 100 -19.67 1.80 -3.72
CA PRO B 100 -18.55 1.64 -4.67
C PRO B 100 -17.78 0.32 -4.58
N ALA B 101 -17.49 -0.18 -3.37
CA ALA B 101 -16.79 -1.46 -3.20
C ALA B 101 -17.60 -2.61 -3.76
N ILE B 102 -18.91 -2.61 -3.48
CA ILE B 102 -19.84 -3.63 -3.97
C ILE B 102 -19.83 -3.67 -5.50
N ALA B 103 -20.03 -2.50 -6.11
CA ALA B 103 -20.11 -2.39 -7.57
C ALA B 103 -18.78 -2.75 -8.25
N LEU B 104 -17.67 -2.27 -7.69
CA LEU B 104 -16.39 -2.57 -8.31
C LEU B 104 -16.09 -4.09 -8.20
N ALA B 105 -16.33 -4.68 -7.03
CA ALA B 105 -16.03 -6.10 -6.87
C ALA B 105 -16.92 -6.93 -7.82
N GLN B 106 -18.19 -6.56 -7.93
CA GLN B 106 -19.02 -7.28 -8.87
C GLN B 106 -18.54 -7.14 -10.32
N LYS B 107 -18.09 -5.94 -10.71
CA LYS B 107 -17.65 -5.74 -12.07
C LYS B 107 -16.36 -6.51 -12.35
N LEU B 108 -15.43 -6.49 -11.41
CA LEU B 108 -14.20 -7.29 -11.54
C LEU B 108 -14.47 -8.79 -11.66
N ALA B 109 -15.43 -9.30 -10.86
CA ALA B 109 -15.85 -10.70 -10.95
C ALA B 109 -16.43 -11.01 -12.33
N GLU B 110 -17.23 -10.10 -12.84
CA GLU B 110 -17.76 -10.25 -14.19
C GLU B 110 -16.66 -10.27 -15.31
N LEU B 111 -15.67 -9.38 -15.23
CA LEU B 111 -14.60 -9.32 -16.23
C LEU B 111 -13.54 -10.43 -16.11
N ALA B 112 -13.36 -10.98 -14.92
CA ALA B 112 -12.29 -11.99 -14.70
C ALA B 112 -12.71 -13.37 -15.23
N PRO B 113 -11.74 -14.15 -15.77
CA PRO B 113 -12.08 -15.47 -16.35
C PRO B 113 -12.35 -16.51 -15.28
N GLY B 114 -12.94 -17.64 -15.70
CA GLY B 114 -13.19 -18.80 -14.81
C GLY B 114 -14.03 -18.41 -13.62
N ASP B 115 -13.72 -18.97 -12.46
CA ASP B 115 -14.46 -18.68 -11.24
C ASP B 115 -13.72 -17.70 -10.31
N LEU B 116 -13.01 -16.76 -10.93
CA LEU B 116 -12.36 -15.67 -10.19
C LEU B 116 -13.43 -14.63 -9.88
N ASN B 117 -14.11 -14.80 -8.74
CA ASN B 117 -15.38 -14.12 -8.46
C ASN B 117 -15.37 -13.26 -7.21
N HIS B 118 -14.25 -13.24 -6.50
CA HIS B 118 -14.13 -12.52 -5.25
C HIS B 118 -12.91 -11.60 -5.23
N VAL B 119 -13.04 -10.46 -4.57
CA VAL B 119 -11.99 -9.44 -4.58
C VAL B 119 -11.61 -9.01 -3.14
N PHE B 120 -10.29 -9.01 -2.86
CA PHE B 120 -9.74 -8.36 -1.68
C PHE B 120 -9.03 -7.10 -2.16
N PHE B 121 -9.48 -5.94 -1.69
CA PHE B 121 -8.92 -4.68 -2.15
C PHE B 121 -7.68 -4.24 -1.37
N ALA B 122 -6.81 -3.50 -2.06
CA ALA B 122 -5.61 -2.97 -1.45
C ALA B 122 -5.27 -1.62 -2.12
N GLY B 123 -4.11 -1.04 -1.78
CA GLY B 123 -3.77 0.31 -2.29
C GLY B 123 -3.09 0.26 -3.65
N GLY B 124 -2.54 -0.89 -4.00
CA GLY B 124 -1.74 -1.05 -5.21
C GLY B 124 -1.20 -2.48 -5.31
N GLY B 125 -0.26 -2.69 -6.22
CA GLY B 125 0.19 -4.04 -6.56
C GLY B 125 1.07 -4.70 -5.50
N SER B 126 1.98 -3.94 -4.90
CA SER B 126 2.83 -4.46 -3.81
C SER B 126 1.96 -4.94 -2.63
N GLU B 127 1.07 -4.08 -2.15
CA GLU B 127 0.14 -4.41 -1.07
C GLU B 127 -0.75 -5.63 -1.38
N ALA B 128 -1.15 -5.75 -2.64
CA ALA B 128 -2.00 -6.86 -3.09
C ALA B 128 -1.19 -8.18 -3.12
N ASN B 129 0.10 -8.10 -3.46
CA ASN B 129 0.94 -9.30 -3.43
C ASN B 129 1.23 -9.69 -1.99
N ASP B 130 1.28 -8.71 -1.09
CA ASP B 130 1.34 -9.06 0.34
C ASP B 130 0.06 -9.80 0.78
N THR B 131 -1.12 -9.31 0.36
CA THR B 131 -2.35 -10.06 0.55
C THR B 131 -2.24 -11.52 0.05
N ASN B 132 -1.71 -11.71 -1.16
CA ASN B 132 -1.60 -13.03 -1.78
C ASN B 132 -0.73 -14.00 -0.96
N ILE B 133 0.43 -13.49 -0.50
CA ILE B 133 1.34 -14.29 0.30
C ILE B 133 0.61 -14.74 1.57
N ARG B 134 -0.04 -13.79 2.22
CA ARG B 134 -0.74 -14.10 3.45
C ARG B 134 -1.92 -15.03 3.20
N MET B 135 -2.61 -14.82 2.08
CA MET B 135 -3.82 -15.56 1.77
C MET B 135 -3.51 -17.01 1.37
N VAL B 136 -2.48 -17.25 0.53
CA VAL B 136 -2.20 -18.62 0.11
C VAL B 136 -1.72 -19.45 1.30
N ARG B 137 -0.90 -18.84 2.16
CA ARG B 137 -0.40 -19.55 3.34
C ARG B 137 -1.52 -19.78 4.35
N THR B 138 -2.36 -18.78 4.59
CA THR B 138 -3.56 -18.98 5.39
C THR B 138 -4.52 -20.03 4.79
N TYR B 139 -4.69 -20.00 3.47
CA TYR B 139 -5.49 -21.01 2.80
C TYR B 139 -5.01 -22.40 3.18
N TRP B 140 -3.72 -22.67 3.08
CA TRP B 140 -3.24 -24.05 3.34
C TRP B 140 -3.36 -24.46 4.82
N GLN B 141 -3.21 -23.51 5.73
CA GLN B 141 -3.47 -23.75 7.16
C GLN B 141 -4.92 -24.16 7.38
N ASN B 142 -5.83 -23.44 6.74
CA ASN B 142 -7.24 -23.69 6.91
C ASN B 142 -7.64 -25.04 6.26
N LYS B 143 -6.84 -25.51 5.30
CA LYS B 143 -7.07 -26.81 4.68
C LYS B 143 -6.45 -27.92 5.51
N GLY B 144 -5.75 -27.60 6.58
CA GLY B 144 -5.09 -28.62 7.39
C GLY B 144 -3.68 -28.98 6.98
N GLN B 145 -3.05 -28.12 6.17
CA GLN B 145 -1.68 -28.36 5.68
C GLN B 145 -0.76 -27.18 6.01
N PRO B 146 -0.54 -26.92 7.33
CA PRO B 146 0.28 -25.78 7.73
C PRO B 146 1.75 -25.83 7.25
N GLU B 147 2.20 -26.97 6.77
CA GLU B 147 3.54 -27.09 6.21
C GLU B 147 3.70 -26.44 4.82
N LYS B 148 2.61 -26.31 4.07
CA LYS B 148 2.71 -25.73 2.73
C LYS B 148 2.88 -24.23 2.86
N THR B 149 4.13 -23.75 2.76
CA THR B 149 4.42 -22.33 2.90
C THR B 149 5.26 -21.73 1.79
N VAL B 150 5.93 -22.58 1.00
CA VAL B 150 6.93 -22.08 0.05
C VAL B 150 6.23 -21.47 -1.15
N ILE B 151 6.66 -20.28 -1.55
CA ILE B 151 6.18 -19.64 -2.76
C ILE B 151 7.32 -19.62 -3.78
N ILE B 152 7.03 -20.19 -4.96
CA ILE B 152 7.97 -20.24 -6.05
C ILE B 152 7.69 -19.09 -6.99
N SER B 153 8.76 -18.41 -7.39
CA SER B 153 8.68 -17.29 -8.29
C SER B 153 9.88 -17.42 -9.22
N ARG B 154 10.32 -16.31 -9.83
CA ARG B 154 11.32 -16.38 -10.89
C ARG B 154 12.38 -15.30 -10.77
N LYS B 155 13.59 -15.62 -11.21
CA LYS B 155 14.64 -14.62 -11.38
C LYS B 155 14.10 -13.58 -12.37
N ASN B 156 14.43 -12.30 -12.09
CA ASN B 156 14.04 -11.18 -12.93
C ASN B 156 12.53 -10.96 -13.00
N ALA B 157 11.78 -11.57 -12.08
CA ALA B 157 10.38 -11.20 -11.85
C ALA B 157 10.33 -9.85 -11.09
N TYR B 158 9.18 -9.20 -11.18
CA TYR B 158 8.88 -8.01 -10.40
C TYR B 158 7.48 -8.13 -9.84
N HIS B 159 7.35 -8.08 -8.52
CA HIS B 159 6.04 -8.28 -7.88
C HIS B 159 5.64 -7.18 -6.89
N GLY B 160 6.49 -6.16 -6.82
CA GLY B 160 6.21 -4.99 -6.01
C GLY B 160 7.42 -4.66 -5.17
N SER B 161 7.22 -3.80 -4.17
CA SER B 161 8.34 -3.18 -3.48
C SER B 161 8.20 -3.15 -1.95
N THR B 162 7.23 -3.88 -1.38
CA THR B 162 7.26 -4.13 0.06
C THR B 162 8.40 -5.12 0.29
N VAL B 163 8.72 -5.38 1.55
CA VAL B 163 9.78 -6.33 1.86
C VAL B 163 9.41 -7.70 1.25
N ALA B 164 8.17 -8.17 1.44
CA ALA B 164 7.78 -9.50 0.99
C ALA B 164 7.58 -9.56 -0.51
N SER B 165 7.08 -8.46 -1.09
CA SER B 165 6.91 -8.37 -2.52
C SER B 165 8.24 -8.26 -3.24
N SER B 166 9.19 -7.50 -2.68
CA SER B 166 10.59 -7.53 -3.15
C SER B 166 11.12 -8.97 -3.15
N ALA B 167 10.77 -9.72 -2.10
CA ALA B 167 11.28 -11.10 -1.95
C ALA B 167 10.76 -11.99 -3.05
N LEU B 168 9.47 -11.90 -3.37
CA LEU B 168 8.90 -12.59 -4.55
C LEU B 168 9.56 -12.23 -5.88
N GLY B 169 9.91 -10.94 -6.06
CA GLY B 169 10.54 -10.48 -7.30
C GLY B 169 11.93 -11.10 -7.42
N GLY B 170 12.54 -11.00 -8.59
CA GLY B 170 13.82 -11.64 -8.76
C GLY B 170 14.90 -10.63 -9.01
N MET B 171 14.84 -9.47 -8.33
CA MET B 171 15.80 -8.41 -8.58
C MET B 171 16.84 -8.40 -7.46
N ALA B 172 18.04 -8.87 -7.78
CA ALA B 172 19.17 -8.95 -6.82
C ALA B 172 19.40 -7.64 -6.06
N GLY B 173 19.35 -6.52 -6.78
CA GLY B 173 19.56 -5.20 -6.14
C GLY B 173 18.48 -4.91 -5.10
N MET B 174 17.28 -5.43 -5.29
CA MET B 174 16.22 -5.28 -4.27
C MET B 174 16.41 -6.25 -3.10
N HIS B 175 16.72 -7.51 -3.41
CA HIS B 175 17.00 -8.48 -2.36
C HIS B 175 18.08 -7.97 -1.41
N ALA B 176 19.15 -7.37 -1.94
CA ALA B 176 20.25 -6.90 -1.09
C ALA B 176 19.87 -5.72 -0.15
N GLN B 177 18.73 -5.06 -0.41
CA GLN B 177 18.24 -3.95 0.47
C GLN B 177 16.98 -4.38 1.22
N SER B 178 17.16 -5.34 2.13
CA SER B 178 16.09 -5.90 2.96
C SER B 178 14.89 -6.32 2.12
N GLY B 179 15.16 -6.99 1.00
CA GLY B 179 14.08 -7.51 0.15
C GLY B 179 13.99 -9.02 0.20
N LEU B 180 14.13 -9.64 1.37
CA LEU B 180 14.05 -11.10 1.50
C LEU B 180 13.17 -11.53 2.68
N ILE B 181 12.49 -12.67 2.51
CA ILE B 181 11.72 -13.32 3.56
C ILE B 181 11.89 -14.83 3.31
N PRO B 182 11.80 -15.64 4.37
CA PRO B 182 11.91 -17.14 4.27
C PRO B 182 10.88 -17.78 3.33
N ASP B 183 11.22 -18.94 2.79
CA ASP B 183 10.29 -19.79 2.03
C ASP B 183 9.79 -19.17 0.71
N VAL B 184 10.69 -18.51 0.01
CA VAL B 184 10.49 -18.11 -1.37
C VAL B 184 11.65 -18.74 -2.11
N HIS B 185 11.35 -19.35 -3.25
CA HIS B 185 12.34 -20.01 -4.08
C HIS B 185 12.21 -19.46 -5.51
N HIS B 186 13.31 -19.26 -6.21
CA HIS B 186 13.27 -18.65 -7.55
C HIS B 186 13.76 -19.62 -8.61
N ILE B 187 12.99 -19.82 -9.68
CA ILE B 187 13.50 -20.61 -10.80
C ILE B 187 13.94 -19.63 -11.88
N ASN B 188 14.47 -20.14 -12.99
CA ASN B 188 14.95 -19.29 -14.07
C ASN B 188 13.83 -18.59 -14.87
N GLN B 189 14.15 -17.42 -15.39
CA GLN B 189 13.24 -16.71 -16.29
C GLN B 189 13.35 -17.31 -17.71
N PRO B 190 12.23 -17.36 -18.44
CA PRO B 190 12.28 -17.82 -19.83
C PRO B 190 12.70 -16.70 -20.83
N ASN B 191 13.91 -16.14 -20.65
CA ASN B 191 14.41 -15.09 -21.55
C ASN B 191 15.34 -15.78 -22.55
N TRP B 192 14.83 -16.15 -23.72
CA TRP B 192 15.63 -16.90 -24.69
C TRP B 192 16.83 -16.07 -25.21
N TRP B 193 16.56 -14.81 -25.57
CA TRP B 193 17.61 -13.93 -26.11
C TRP B 193 18.87 -13.94 -25.23
N ALA B 194 18.69 -13.75 -23.93
CA ALA B 194 19.81 -13.63 -23.01
C ALA B 194 20.32 -14.96 -22.50
N GLU B 195 19.43 -15.95 -22.33
CA GLU B 195 19.80 -17.17 -21.60
C GLU B 195 19.58 -18.49 -22.33
N GLY B 196 19.17 -18.43 -23.59
CA GLY B 196 18.77 -19.64 -24.29
C GLY B 196 19.92 -20.45 -24.88
N GLY B 197 21.12 -19.87 -24.93
CA GLY B 197 22.28 -20.49 -25.61
C GLY B 197 21.95 -20.86 -27.06
N ASP B 198 22.26 -22.10 -27.45
CA ASP B 198 22.01 -22.57 -28.82
C ASP B 198 20.74 -23.42 -28.89
N MET B 199 20.03 -23.54 -27.77
CA MET B 199 18.71 -24.20 -27.75
C MET B 199 17.72 -23.52 -28.74
N ASP B 200 16.85 -24.35 -29.29
CA ASP B 200 15.67 -23.91 -29.98
C ASP B 200 14.74 -23.16 -28.97
N PRO B 201 14.17 -22.00 -29.37
CA PRO B 201 13.34 -21.27 -28.40
C PRO B 201 12.23 -22.12 -27.76
N GLU B 202 11.54 -22.92 -28.55
CA GLU B 202 10.46 -23.78 -28.03
C GLU B 202 10.95 -24.88 -27.09
N GLU B 203 12.10 -25.51 -27.39
CA GLU B 203 12.68 -26.43 -26.41
C GLU B 203 13.13 -25.71 -25.12
N PHE B 204 13.65 -24.51 -25.28
CA PHE B 204 14.03 -23.66 -24.14
C PHE B 204 12.81 -23.33 -23.25
N GLY B 205 11.70 -22.89 -23.87
CA GLY B 205 10.43 -22.71 -23.13
C GLY B 205 10.07 -23.93 -22.29
N LEU B 206 10.18 -25.13 -22.89
CA LEU B 206 9.79 -26.32 -22.15
C LEU B 206 10.68 -26.57 -20.93
N ALA B 207 12.00 -26.46 -21.15
CA ALA B 207 13.00 -26.69 -20.09
C ALA B 207 12.82 -25.69 -18.94
N ARG B 208 12.54 -24.43 -19.29
CA ARG B 208 12.37 -23.39 -18.29
C ARG B 208 11.08 -23.67 -17.52
N ALA B 209 10.01 -24.09 -18.20
CA ALA B 209 8.78 -24.47 -17.48
C ALA B 209 8.99 -25.67 -16.53
N ARG B 210 9.72 -26.68 -17.03
CA ARG B 210 9.94 -27.90 -16.26
C ARG B 210 10.72 -27.65 -14.98
N GLU B 211 11.48 -26.55 -14.94
CA GLU B 211 12.11 -26.12 -13.70
C GLU B 211 11.09 -25.96 -12.56
N LEU B 212 9.84 -25.59 -12.87
CA LEU B 212 8.81 -25.57 -11.82
C LEU B 212 8.56 -26.98 -11.20
N GLU B 213 8.37 -27.98 -12.04
CA GLU B 213 8.18 -29.33 -11.53
C GLU B 213 9.39 -29.82 -10.72
N GLU B 214 10.59 -29.53 -11.23
CA GLU B 214 11.83 -29.92 -10.58
C GLU B 214 11.95 -29.24 -9.21
N ALA B 215 11.53 -27.97 -9.10
CA ALA B 215 11.54 -27.21 -7.84
C ALA B 215 10.57 -27.83 -6.86
N ILE B 216 9.35 -28.11 -7.34
CA ILE B 216 8.32 -28.75 -6.52
C ILE B 216 8.81 -30.08 -5.93
N LEU B 217 9.42 -30.92 -6.77
CA LEU B 217 9.89 -32.21 -6.29
C LEU B 217 11.08 -32.06 -5.34
N GLU B 218 11.99 -31.15 -5.63
CA GLU B 218 13.12 -30.86 -4.75
C GLU B 218 12.69 -30.37 -3.35
N LEU B 219 11.80 -29.38 -3.32
CA LEU B 219 11.26 -28.82 -2.06
C LEU B 219 10.31 -29.79 -1.35
N GLY B 220 9.64 -30.63 -2.12
CA GLY B 220 8.55 -31.46 -1.63
C GLY B 220 7.25 -30.74 -1.92
N GLU B 221 6.33 -31.39 -2.64
CA GLU B 221 5.00 -30.84 -2.91
C GLU B 221 4.31 -30.47 -1.60
N ASN B 222 4.50 -31.29 -0.56
CA ASN B 222 3.93 -31.06 0.78
C ASN B 222 4.44 -29.75 1.44
N ARG B 223 5.47 -29.11 0.89
CA ARG B 223 6.02 -27.85 1.43
C ARG B 223 5.67 -26.62 0.57
N VAL B 224 5.13 -26.86 -0.63
CA VAL B 224 4.89 -25.79 -1.61
C VAL B 224 3.45 -25.23 -1.55
N ALA B 225 3.34 -23.91 -1.38
CA ALA B 225 2.03 -23.22 -1.29
C ALA B 225 1.59 -22.70 -2.66
N ALA B 226 2.50 -22.07 -3.39
CA ALA B 226 2.10 -21.42 -4.64
C ALA B 226 3.23 -21.25 -5.64
N PHE B 227 2.86 -21.02 -6.89
CA PHE B 227 3.78 -20.46 -7.92
C PHE B 227 3.20 -19.12 -8.34
N ILE B 228 4.03 -18.07 -8.38
CA ILE B 228 3.56 -16.75 -8.86
C ILE B 228 4.38 -16.30 -10.06
N ALA B 229 3.70 -15.82 -11.09
CA ALA B 229 4.40 -15.33 -12.27
C ALA B 229 3.56 -14.25 -12.96
N GLU B 230 4.25 -13.28 -13.58
CA GLU B 230 3.65 -12.37 -14.55
C GLU B 230 3.48 -13.06 -15.90
N PRO B 231 2.31 -12.93 -16.53
CA PRO B 231 2.10 -13.50 -17.87
C PRO B 231 3.20 -13.07 -18.87
N VAL B 232 3.51 -11.78 -18.90
CA VAL B 232 4.69 -11.28 -19.58
C VAL B 232 5.47 -10.49 -18.52
N GLN B 233 6.78 -10.75 -18.39
CA GLN B 233 7.55 -10.00 -17.39
C GLN B 233 7.65 -8.55 -17.81
N GLY B 234 7.17 -7.63 -16.99
CA GLY B 234 7.09 -6.23 -17.37
C GLY B 234 8.35 -5.48 -16.99
N ALA B 235 8.50 -5.18 -15.69
CA ALA B 235 9.67 -4.41 -15.22
C ALA B 235 10.99 -5.13 -15.45
N GLY B 236 10.99 -6.46 -15.60
CA GLY B 236 12.21 -7.15 -16.05
C GLY B 236 12.61 -6.91 -17.52
N GLY B 237 11.83 -6.14 -18.27
CA GLY B 237 12.19 -5.77 -19.66
C GLY B 237 11.27 -6.31 -20.75
N VAL B 238 9.97 -6.49 -20.45
CA VAL B 238 9.02 -7.15 -21.39
C VAL B 238 9.65 -8.43 -21.97
N ILE B 239 9.78 -9.42 -21.07
CA ILE B 239 10.34 -10.69 -21.48
C ILE B 239 9.18 -11.56 -21.85
N VAL B 240 9.09 -11.91 -23.12
CA VAL B 240 8.02 -12.74 -23.64
C VAL B 240 8.48 -14.21 -23.70
N ALA B 241 7.85 -15.07 -22.89
CA ALA B 241 8.19 -16.49 -22.88
C ALA B 241 7.93 -17.13 -24.25
N PRO B 242 8.79 -18.09 -24.71
CA PRO B 242 8.39 -18.95 -25.85
C PRO B 242 6.97 -19.51 -25.63
N ASP B 243 6.25 -19.77 -26.72
CA ASP B 243 4.85 -20.20 -26.67
C ASP B 243 4.65 -21.52 -25.93
N SER B 244 5.64 -22.39 -25.98
CA SER B 244 5.59 -23.67 -25.23
C SER B 244 5.59 -23.54 -23.69
N TYR B 245 5.99 -22.37 -23.18
CA TYR B 245 6.25 -22.19 -21.74
C TYR B 245 4.98 -22.29 -20.89
N TRP B 246 4.04 -21.37 -21.07
CA TRP B 246 2.78 -21.37 -20.32
C TRP B 246 1.96 -22.68 -20.35
N PRO B 247 1.81 -23.31 -21.53
CA PRO B 247 1.07 -24.57 -21.44
C PRO B 247 1.78 -25.60 -20.58
N GLU B 248 3.11 -25.59 -20.55
CA GLU B 248 3.85 -26.56 -19.69
C GLU B 248 3.74 -26.20 -18.20
N ILE B 249 3.88 -24.92 -17.87
CA ILE B 249 3.55 -24.42 -16.52
C ILE B 249 2.13 -24.83 -16.09
N GLN B 250 1.15 -24.59 -16.94
CA GLN B 250 -0.25 -24.93 -16.59
C GLN B 250 -0.39 -26.43 -16.35
N ARG B 251 0.25 -27.25 -17.18
CA ARG B 251 0.19 -28.71 -16.99
C ARG B 251 0.77 -29.12 -15.62
N ILE B 252 1.95 -28.58 -15.30
CA ILE B 252 2.57 -28.80 -13.99
C ILE B 252 1.64 -28.36 -12.85
N CYS B 253 1.02 -27.18 -12.99
CA CYS B 253 0.15 -26.66 -11.93
C CYS B 253 -1.13 -27.50 -11.79
N ASP B 254 -1.53 -28.17 -12.86
CA ASP B 254 -2.71 -29.03 -12.81
C ASP B 254 -2.34 -30.32 -12.06
N LYS B 255 -1.16 -30.83 -12.34
CA LYS B 255 -0.70 -32.07 -11.76
C LYS B 255 -0.45 -32.05 -10.23
N TYR B 256 0.10 -30.94 -9.72
CA TYR B 256 0.53 -30.82 -8.31
C TYR B 256 -0.45 -29.97 -7.52
N ASP B 257 -0.47 -30.18 -6.22
CA ASP B 257 -1.42 -29.51 -5.36
C ASP B 257 -0.84 -28.16 -4.90
N ILE B 258 -0.80 -27.18 -5.81
CA ILE B 258 -0.28 -25.82 -5.51
C ILE B 258 -1.19 -24.72 -6.08
N LEU B 259 -1.16 -23.54 -5.49
CA LEU B 259 -1.99 -22.45 -6.05
C LEU B 259 -1.19 -21.71 -7.12
N LEU B 260 -1.87 -21.30 -8.18
CA LEU B 260 -1.22 -20.47 -9.19
C LEU B 260 -1.69 -19.03 -9.02
N ILE B 261 -0.72 -18.13 -8.82
CA ILE B 261 -1.00 -16.69 -8.81
C ILE B 261 -0.48 -16.07 -10.10
N ALA B 262 -1.36 -15.38 -10.82
CA ALA B 262 -0.93 -14.65 -12.01
C ALA B 262 -0.88 -13.20 -11.61
N ASP B 263 0.30 -12.61 -11.69
CA ASP B 263 0.44 -11.21 -11.36
C ASP B 263 0.00 -10.38 -12.60
N GLU B 264 -1.12 -9.67 -12.49
CA GLU B 264 -1.66 -8.92 -13.63
C GLU B 264 -1.47 -7.40 -13.46
N VAL B 265 -0.61 -7.01 -12.52
CA VAL B 265 -0.43 -5.61 -12.23
C VAL B 265 -0.13 -4.79 -13.50
N ILE B 266 0.74 -5.29 -14.35
CA ILE B 266 0.99 -4.64 -15.64
C ILE B 266 0.09 -5.19 -16.77
N CYS B 267 0.01 -6.51 -16.87
CA CYS B 267 -0.72 -7.19 -17.96
C CYS B 267 -2.23 -6.96 -17.98
N GLY B 268 -2.74 -6.51 -16.84
CA GLY B 268 -4.18 -6.34 -16.64
C GLY B 268 -4.79 -5.19 -17.43
N PHE B 269 -6.08 -5.39 -17.74
CA PHE B 269 -6.95 -4.30 -18.23
C PHE B 269 -6.55 -3.80 -19.63
N GLY B 270 -6.31 -4.79 -20.51
CA GLY B 270 -6.19 -4.60 -21.96
C GLY B 270 -4.78 -4.58 -22.52
N ARG B 271 -3.81 -4.53 -21.63
CA ARG B 271 -2.39 -4.42 -21.97
C ARG B 271 -1.89 -5.51 -22.90
N THR B 272 -2.40 -6.74 -22.79
CA THR B 272 -1.92 -7.78 -23.68
C THR B 272 -2.86 -8.04 -24.85
N GLY B 273 -3.87 -7.17 -25.01
CA GLY B 273 -4.89 -7.34 -26.06
C GLY B 273 -6.15 -8.04 -25.57
N ASN B 274 -6.18 -8.43 -24.29
CA ASN B 274 -7.39 -9.00 -23.63
C ASN B 274 -7.57 -8.32 -22.29
N TRP B 275 -8.70 -8.56 -21.60
CA TRP B 275 -8.85 -8.03 -20.23
C TRP B 275 -7.67 -8.41 -19.32
N PHE B 276 -7.17 -9.66 -19.42
CA PHE B 276 -6.05 -10.11 -18.59
C PHE B 276 -5.05 -10.90 -19.33
N GLY B 277 -3.78 -10.76 -18.96
CA GLY B 277 -2.71 -11.60 -19.53
C GLY B 277 -3.01 -13.10 -19.36
N THR B 278 -3.65 -13.48 -18.25
CA THR B 278 -4.09 -14.88 -18.09
C THR B 278 -5.05 -15.38 -19.20
N GLN B 279 -5.88 -14.49 -19.76
CA GLN B 279 -6.69 -14.89 -20.95
C GLN B 279 -5.80 -15.06 -22.19
N THR B 280 -4.87 -14.12 -22.38
CA THR B 280 -3.95 -14.18 -23.51
C THR B 280 -3.12 -15.46 -23.51
N MET B 281 -2.69 -15.89 -22.32
CA MET B 281 -1.81 -17.05 -22.17
C MET B 281 -2.58 -18.35 -21.95
N GLY B 282 -3.93 -18.25 -21.89
CA GLY B 282 -4.77 -19.42 -21.61
C GLY B 282 -4.41 -20.16 -20.31
N ILE B 283 -4.15 -19.42 -19.23
CA ILE B 283 -3.86 -20.10 -17.95
C ILE B 283 -5.03 -20.04 -16.97
N ARG B 284 -4.97 -20.82 -15.89
CA ARG B 284 -6.07 -20.91 -14.93
C ARG B 284 -5.59 -20.61 -13.51
N PRO B 285 -5.26 -19.34 -13.21
CA PRO B 285 -4.79 -19.02 -11.85
C PRO B 285 -5.89 -19.12 -10.78
N HIS B 286 -5.50 -19.37 -9.53
CA HIS B 286 -6.41 -19.25 -8.41
C HIS B 286 -6.57 -17.80 -7.92
N ILE B 287 -5.55 -16.98 -8.18
CA ILE B 287 -5.57 -15.56 -7.76
C ILE B 287 -4.92 -14.74 -8.86
N MET B 288 -5.47 -13.55 -9.11
CA MET B 288 -4.84 -12.57 -9.99
C MET B 288 -4.60 -11.28 -9.19
N THR B 289 -3.36 -10.77 -9.25
CA THR B 289 -3.00 -9.48 -8.66
C THR B 289 -3.31 -8.36 -9.65
N ILE B 290 -4.00 -7.33 -9.15
CA ILE B 290 -4.39 -6.23 -10.00
C ILE B 290 -4.05 -4.88 -9.36
N ALA B 291 -3.77 -3.91 -10.23
CA ALA B 291 -3.53 -2.50 -9.89
C ALA B 291 -3.39 -1.74 -11.22
N LYS B 292 -2.60 -0.66 -11.23
CA LYS B 292 -2.32 0.12 -12.47
C LYS B 292 -3.52 0.41 -13.38
N GLY B 293 -3.66 -0.36 -14.46
CA GLY B 293 -4.78 -0.17 -15.41
C GLY B 293 -6.18 -0.27 -14.81
N LEU B 294 -6.27 -0.79 -13.59
CA LEU B 294 -7.56 -0.94 -12.89
C LEU B 294 -8.32 0.40 -12.82
N SER B 295 -7.57 1.47 -12.58
CA SER B 295 -8.12 2.82 -12.51
C SER B 295 -7.47 3.72 -13.57
N SER B 296 -6.75 3.12 -14.52
CA SER B 296 -5.86 3.87 -15.45
C SER B 296 -4.92 4.84 -14.76
N GLY B 297 -4.60 4.52 -13.51
CA GLY B 297 -3.70 5.35 -12.72
C GLY B 297 -4.34 6.61 -12.15
N TYR B 298 -5.64 6.85 -12.45
CA TYR B 298 -6.33 8.05 -11.97
C TYR B 298 -6.54 8.11 -10.46
N ALA B 299 -6.53 6.94 -9.82
CA ALA B 299 -6.67 6.84 -8.37
C ALA B 299 -5.88 5.64 -7.92
N PRO B 300 -5.27 5.74 -6.72
CA PRO B 300 -4.53 4.57 -6.18
C PRO B 300 -5.50 3.50 -5.66
N ILE B 301 -5.38 2.30 -6.23
CA ILE B 301 -6.18 1.15 -5.84
C ILE B 301 -5.55 -0.09 -6.51
N GLY B 302 -5.58 -1.21 -5.81
CA GLY B 302 -5.17 -2.50 -6.35
C GLY B 302 -5.99 -3.56 -5.66
N GLY B 303 -5.62 -4.82 -5.84
CA GLY B 303 -6.43 -5.87 -5.25
C GLY B 303 -6.02 -7.25 -5.71
N SER B 304 -6.74 -8.25 -5.21
CA SER B 304 -6.50 -9.64 -5.55
C SER B 304 -7.88 -10.18 -5.96
N ILE B 305 -7.98 -10.71 -7.16
CA ILE B 305 -9.21 -11.41 -7.56
C ILE B 305 -8.95 -12.88 -7.26
N VAL B 306 -9.92 -13.54 -6.65
CA VAL B 306 -9.68 -14.82 -6.00
C VAL B 306 -10.75 -15.83 -6.43
N CYS B 307 -10.34 -17.03 -6.83
CA CYS B 307 -11.29 -18.10 -7.19
C CYS B 307 -12.22 -18.52 -6.02
N ASP B 308 -13.38 -19.11 -6.36
CA ASP B 308 -14.35 -19.59 -5.38
C ASP B 308 -13.82 -20.44 -4.20
N GLU B 309 -12.97 -21.42 -4.52
CA GLU B 309 -12.49 -22.39 -3.52
C GLU B 309 -11.63 -21.68 -2.50
N VAL B 310 -10.68 -20.87 -2.97
CA VAL B 310 -9.75 -20.13 -2.08
C VAL B 310 -10.52 -19.13 -1.22
N ALA B 311 -11.44 -18.39 -1.83
CA ALA B 311 -12.24 -17.43 -1.08
C ALA B 311 -13.09 -18.13 -0.01
N HIS B 312 -13.70 -19.26 -0.38
CA HIS B 312 -14.52 -20.03 0.60
C HIS B 312 -13.67 -20.46 1.81
N VAL B 313 -12.48 -20.99 1.53
CA VAL B 313 -11.63 -21.52 2.60
C VAL B 313 -11.07 -20.42 3.51
N ILE B 314 -10.62 -19.31 2.91
CA ILE B 314 -10.19 -18.15 3.68
C ILE B 314 -11.36 -17.57 4.50
N GLY B 315 -12.58 -17.67 3.97
CA GLY B 315 -13.78 -17.14 4.62
C GLY B 315 -14.24 -17.90 5.86
N LYS B 316 -13.65 -19.08 6.11
CA LYS B 316 -14.11 -19.97 7.17
C LYS B 316 -13.71 -19.45 8.57
N ASP B 317 -12.76 -18.53 8.64
CA ASP B 317 -12.31 -17.99 9.94
C ASP B 317 -11.80 -16.59 9.68
N GLU B 318 -11.37 -15.93 10.76
CA GLU B 318 -10.82 -14.60 10.72
C GLU B 318 -9.61 -14.61 9.81
N PHE B 319 -9.52 -13.63 8.92
CA PHE B 319 -8.31 -13.42 8.11
C PHE B 319 -7.77 -12.04 8.54
N ASN B 320 -6.77 -12.08 9.42
CA ASN B 320 -6.25 -10.90 10.15
C ASN B 320 -5.34 -10.06 9.25
N HIS B 321 -5.96 -9.47 8.24
CA HIS B 321 -5.25 -8.78 7.19
C HIS B 321 -6.13 -7.71 6.56
N GLY B 322 -5.51 -6.60 6.18
CA GLY B 322 -6.26 -5.57 5.47
C GLY B 322 -5.67 -4.20 5.69
N TYR B 323 -6.06 -3.25 4.83
CA TYR B 323 -5.47 -1.90 4.83
C TYR B 323 -6.57 -0.87 5.04
N THR B 324 -6.29 0.18 5.81
CA THR B 324 -7.21 1.29 6.04
C THR B 324 -7.96 1.67 4.75
N TYR B 325 -7.20 1.83 3.68
CA TYR B 325 -7.72 2.27 2.39
C TYR B 325 -8.22 1.15 1.46
N SER B 326 -8.22 -0.09 1.96
CA SER B 326 -8.83 -1.23 1.23
C SER B 326 -10.25 -0.82 0.83
N GLY B 327 -10.56 -0.84 -0.46
CA GLY B 327 -11.90 -0.52 -0.94
C GLY B 327 -12.24 0.98 -0.99
N HIS B 328 -11.25 1.86 -0.82
CA HIS B 328 -11.51 3.31 -0.74
C HIS B 328 -12.61 3.78 -1.72
N PRO B 329 -13.71 4.40 -1.20
CA PRO B 329 -14.89 4.55 -2.06
C PRO B 329 -14.70 5.50 -3.27
N VAL B 330 -13.84 6.51 -3.13
CA VAL B 330 -13.54 7.40 -4.24
C VAL B 330 -12.69 6.66 -5.26
N ALA B 331 -11.63 5.99 -4.79
CA ALA B 331 -10.80 5.23 -5.70
C ALA B 331 -11.60 4.13 -6.38
N ALA B 332 -12.49 3.49 -5.63
CA ALA B 332 -13.34 2.45 -6.21
C ALA B 332 -14.30 3.00 -7.26
N ALA B 333 -14.87 4.18 -7.02
CA ALA B 333 -15.78 4.78 -7.99
C ALA B 333 -15.02 5.18 -9.27
N VAL B 334 -13.80 5.69 -9.09
CA VAL B 334 -12.96 6.04 -10.21
C VAL B 334 -12.61 4.82 -11.06
N ALA B 335 -12.22 3.72 -10.40
CA ALA B 335 -11.93 2.49 -11.10
C ALA B 335 -13.16 1.96 -11.87
N LEU B 336 -14.33 2.06 -11.27
CA LEU B 336 -15.50 1.53 -11.97
C LEU B 336 -15.76 2.36 -13.24
N GLU B 337 -15.60 3.67 -13.13
CA GLU B 337 -15.76 4.56 -14.30
C GLU B 337 -14.69 4.27 -15.38
N ASN B 338 -13.45 4.01 -14.95
CA ASN B 338 -12.41 3.54 -15.86
C ASN B 338 -12.84 2.28 -16.64
N LEU B 339 -13.26 1.24 -15.91
CA LEU B 339 -13.71 0.01 -16.55
C LEU B 339 -14.92 0.27 -17.47
N ARG B 340 -15.82 1.19 -17.09
CA ARG B 340 -16.99 1.47 -17.93
C ARG B 340 -16.53 2.03 -19.28
N ILE B 341 -15.56 2.95 -19.26
CA ILE B 341 -14.98 3.48 -20.51
C ILE B 341 -14.30 2.37 -21.31
N LEU B 342 -13.43 1.57 -20.68
CA LEU B 342 -12.75 0.48 -21.40
C LEU B 342 -13.76 -0.43 -22.10
N GLU B 343 -14.83 -0.78 -21.37
CA GLU B 343 -15.83 -1.69 -21.88
C GLU B 343 -16.78 -1.03 -22.91
N GLU B 344 -17.40 0.08 -22.54
CA GLU B 344 -18.46 0.68 -23.37
C GLU B 344 -17.93 1.37 -24.60
N GLU B 345 -16.67 1.80 -24.58
CA GLU B 345 -16.11 2.45 -25.76
C GLU B 345 -15.28 1.47 -26.54
N ASN B 346 -15.37 0.20 -26.16
CA ASN B 346 -14.73 -0.89 -26.90
C ASN B 346 -13.24 -0.65 -27.17
N ILE B 347 -12.52 -0.25 -26.11
CA ILE B 347 -11.07 -0.01 -26.21
C ILE B 347 -10.33 -1.31 -26.59
N LEU B 348 -10.81 -2.46 -26.09
CA LEU B 348 -10.16 -3.73 -26.44
C LEU B 348 -10.28 -4.06 -27.94
N ASP B 349 -11.42 -3.73 -28.56
CA ASP B 349 -11.57 -3.88 -30.01
C ASP B 349 -10.58 -2.94 -30.71
N HIS B 350 -10.47 -1.71 -30.22
CA HIS B 350 -9.45 -0.80 -30.77
C HIS B 350 -8.04 -1.44 -30.69
N VAL B 351 -7.69 -1.95 -29.52
CA VAL B 351 -6.39 -2.58 -29.39
C VAL B 351 -6.21 -3.75 -30.39
N ARG B 352 -7.17 -4.67 -30.40
CA ARG B 352 -7.03 -5.90 -31.14
C ARG B 352 -7.07 -5.68 -32.64
N ASN B 353 -7.90 -4.75 -33.08
CA ASN B 353 -8.17 -4.61 -34.53
C ASN B 353 -7.32 -3.54 -35.20
N VAL B 354 -6.96 -2.50 -34.44
CA VAL B 354 -6.27 -1.35 -35.00
C VAL B 354 -4.85 -1.12 -34.42
N ALA B 355 -4.76 -0.80 -33.12
CA ALA B 355 -3.47 -0.40 -32.51
C ALA B 355 -2.44 -1.52 -32.42
N ALA B 356 -2.84 -2.67 -31.88
CA ALA B 356 -1.89 -3.79 -31.72
C ALA B 356 -1.30 -4.33 -33.02
N PRO B 357 -2.12 -4.57 -34.07
CA PRO B 357 -1.53 -4.99 -35.39
C PRO B 357 -0.58 -3.97 -35.99
N TYR B 358 -0.95 -2.69 -35.90
CA TYR B 358 -0.16 -1.62 -36.47
C TYR B 358 1.14 -1.48 -35.72
N LEU B 359 1.08 -1.44 -34.38
CA LEU B 359 2.29 -1.41 -33.55
C LEU B 359 3.20 -2.62 -33.80
N LYS B 360 2.62 -3.81 -33.85
CA LYS B 360 3.40 -5.02 -34.05
C LYS B 360 4.28 -4.91 -35.29
N GLU B 361 3.67 -4.49 -36.40
CA GLU B 361 4.35 -4.51 -37.70
C GLU B 361 5.54 -3.55 -37.66
N LYS B 362 5.32 -2.37 -37.12
CA LYS B 362 6.40 -1.39 -36.98
C LYS B 362 7.43 -1.76 -35.91
N TRP B 363 6.97 -2.31 -34.78
CA TRP B 363 7.89 -2.69 -33.69
C TRP B 363 8.86 -3.79 -34.13
N GLU B 364 8.32 -4.86 -34.70
CA GLU B 364 9.14 -6.00 -35.08
C GLU B 364 10.13 -5.66 -36.20
N ALA B 365 9.77 -4.68 -37.04
CA ALA B 365 10.62 -4.15 -38.10
C ALA B 365 11.86 -3.40 -37.56
N LEU B 366 11.90 -3.14 -36.25
CA LEU B 366 13.05 -2.46 -35.62
C LEU B 366 14.33 -3.29 -35.64
N THR B 367 14.22 -4.60 -35.92
CA THR B 367 15.45 -5.40 -36.03
C THR B 367 16.30 -5.03 -37.24
N ASP B 368 15.82 -4.13 -38.11
CA ASP B 368 16.68 -3.62 -39.18
C ASP B 368 17.61 -2.51 -38.72
N HIS B 369 17.47 -2.07 -37.48
CA HIS B 369 18.36 -1.05 -36.94
C HIS B 369 19.66 -1.75 -36.49
N PRO B 370 20.82 -1.11 -36.73
CA PRO B 370 22.08 -1.74 -36.35
C PRO B 370 22.26 -2.12 -34.89
N LEU B 371 21.60 -1.40 -33.97
CA LEU B 371 21.69 -1.75 -32.54
C LEU B 371 20.72 -2.85 -32.11
N VAL B 372 19.71 -3.15 -32.92
CA VAL B 372 18.55 -3.91 -32.41
C VAL B 372 18.64 -5.39 -32.73
N GLY B 373 18.86 -6.18 -31.69
CA GLY B 373 19.05 -7.60 -31.88
C GLY B 373 17.75 -8.37 -31.93
N GLU B 374 16.74 -7.95 -31.15
CA GLU B 374 15.41 -8.58 -31.20
C GLU B 374 14.35 -7.55 -30.81
N ALA B 375 13.13 -7.78 -31.25
CA ALA B 375 12.02 -6.86 -31.00
C ALA B 375 10.84 -7.74 -30.65
N LYS B 376 10.40 -7.64 -29.41
CA LYS B 376 9.37 -8.54 -28.89
C LYS B 376 8.17 -7.68 -28.49
N ILE B 377 6.97 -8.23 -28.63
CA ILE B 377 5.74 -7.49 -28.35
C ILE B 377 4.60 -8.48 -28.10
N VAL B 378 3.79 -8.17 -27.09
CA VAL B 378 2.52 -8.87 -26.88
C VAL B 378 1.53 -7.71 -26.70
N GLY B 379 0.54 -7.63 -27.58
CA GLY B 379 -0.46 -6.58 -27.44
C GLY B 379 0.21 -5.20 -27.40
N MET B 380 0.17 -4.51 -26.25
CA MET B 380 0.65 -3.10 -26.16
C MET B 380 1.83 -2.92 -25.19
N MET B 381 2.59 -3.98 -25.00
CA MET B 381 3.83 -3.92 -24.23
C MET B 381 4.90 -4.48 -25.16
N ALA B 382 6.02 -3.77 -25.28
CA ALA B 382 7.09 -4.19 -26.20
C ALA B 382 8.49 -3.90 -25.69
N SER B 383 9.45 -4.72 -26.11
CA SER B 383 10.85 -4.43 -25.84
C SER B 383 11.72 -4.68 -27.05
N ILE B 384 12.88 -4.02 -27.07
CA ILE B 384 13.97 -4.32 -27.99
C ILE B 384 15.27 -4.55 -27.22
N ALA B 385 16.03 -5.58 -27.59
CA ALA B 385 17.35 -5.80 -27.00
C ALA B 385 18.42 -5.13 -27.88
N LEU B 386 19.21 -4.27 -27.26
CA LEU B 386 20.33 -3.59 -27.93
C LEU B 386 21.58 -4.44 -27.72
N THR B 387 22.37 -4.56 -28.79
CA THR B 387 23.52 -5.43 -28.79
C THR B 387 24.61 -4.88 -29.69
N PRO B 388 25.88 -5.15 -29.36
CA PRO B 388 27.01 -4.79 -30.23
C PRO B 388 27.33 -5.86 -31.27
N ASN B 389 26.76 -7.05 -31.14
CA ASN B 389 26.98 -8.07 -32.16
C ASN B 389 25.82 -9.06 -32.20
N LYS B 390 24.95 -8.87 -33.19
CA LYS B 390 23.73 -9.68 -33.27
C LYS B 390 24.07 -11.13 -33.54
N ALA B 391 25.22 -11.42 -34.15
CA ALA B 391 25.56 -12.82 -34.47
C ALA B 391 25.72 -13.71 -33.23
N SER B 392 26.19 -13.13 -32.13
CA SER B 392 26.33 -13.92 -30.93
C SER B 392 25.33 -13.49 -29.83
N ARG B 393 24.34 -12.66 -30.21
CA ARG B 393 23.38 -12.08 -29.27
C ARG B 393 24.16 -11.49 -28.09
N ALA B 394 25.22 -10.77 -28.40
CA ALA B 394 26.19 -10.30 -27.40
C ALA B 394 25.57 -9.33 -26.42
N LYS B 395 26.01 -9.40 -25.17
CA LYS B 395 25.76 -8.33 -24.22
C LYS B 395 26.89 -7.36 -24.41
N PHE B 396 26.65 -6.13 -23.96
CA PHE B 396 27.65 -5.11 -23.93
C PHE B 396 28.67 -5.43 -22.81
N ALA B 397 29.92 -5.06 -23.03
CA ALA B 397 30.94 -5.25 -21.99
C ALA B 397 30.77 -4.31 -20.79
N SER B 398 30.12 -3.17 -20.97
CA SER B 398 29.83 -2.29 -19.84
C SER B 398 28.74 -2.91 -18.94
N GLU B 399 28.66 -2.46 -17.69
CA GLU B 399 27.52 -2.79 -16.79
C GLU B 399 26.20 -2.68 -17.54
N PRO B 400 25.34 -3.72 -17.45
CA PRO B 400 23.98 -3.64 -18.04
C PRO B 400 23.31 -2.32 -17.67
N GLY B 401 22.79 -1.59 -18.64
CA GLY B 401 22.16 -0.31 -18.32
C GLY B 401 22.92 0.90 -18.80
N THR B 402 24.24 0.77 -18.96
CA THR B 402 25.07 1.85 -19.56
C THR B 402 24.55 2.24 -20.94
N ILE B 403 24.35 1.26 -21.82
CA ILE B 403 23.83 1.53 -23.15
C ILE B 403 22.33 1.92 -23.09
N GLY B 404 21.56 1.22 -22.27
CA GLY B 404 20.14 1.52 -22.09
C GLY B 404 19.95 2.95 -21.63
N TYR B 405 20.74 3.38 -20.65
CA TYR B 405 20.72 4.77 -20.18
C TYR B 405 21.05 5.79 -21.28
N ILE B 406 22.04 5.51 -22.11
CA ILE B 406 22.36 6.39 -23.25
C ILE B 406 21.17 6.59 -24.20
N CYS B 407 20.48 5.50 -24.50
CA CYS B 407 19.38 5.56 -25.44
C CYS B 407 18.20 6.29 -24.80
N ARG B 408 17.95 5.95 -23.54
CA ARG B 408 16.93 6.60 -22.76
C ARG B 408 17.06 8.13 -22.69
N GLU B 409 18.29 8.64 -22.44
CA GLU B 409 18.55 10.08 -22.45
C GLU B 409 18.24 10.71 -23.79
N ARG B 410 18.53 9.99 -24.88
CA ARG B 410 18.17 10.48 -26.21
C ARG B 410 16.66 10.56 -26.39
N CYS B 411 15.94 9.51 -25.95
CA CYS B 411 14.49 9.51 -26.06
C CYS B 411 13.90 10.71 -25.33
N PHE B 412 14.33 10.95 -24.09
CA PHE B 412 13.82 12.09 -23.33
C PHE B 412 14.20 13.44 -23.95
N ALA B 413 15.41 13.56 -24.48
CA ALA B 413 15.80 14.81 -25.16
C ALA B 413 14.99 15.00 -26.45
N ASN B 414 14.58 13.89 -27.09
CA ASN B 414 13.66 13.94 -28.23
C ASN B 414 12.17 13.95 -27.90
N ASN B 415 11.85 14.27 -26.64
CA ASN B 415 10.47 14.38 -26.18
C ASN B 415 9.64 13.10 -26.33
N LEU B 416 10.29 11.98 -26.00
CA LEU B 416 9.66 10.65 -25.99
C LEU B 416 9.97 9.95 -24.67
N ILE B 417 8.94 9.45 -23.98
CA ILE B 417 9.16 8.63 -22.80
C ILE B 417 9.21 7.16 -23.23
N MET B 418 10.43 6.63 -23.21
CA MET B 418 10.68 5.22 -23.49
C MET B 418 11.67 4.85 -22.41
N ARG B 419 11.49 3.71 -21.77
CA ARG B 419 12.32 3.42 -20.61
C ARG B 419 13.36 2.35 -20.96
N HIS B 420 14.40 2.23 -20.14
CA HIS B 420 15.32 1.12 -20.30
C HIS B 420 15.28 0.20 -19.10
N VAL B 421 15.57 -1.08 -19.37
CA VAL B 421 15.79 -2.07 -18.34
C VAL B 421 17.05 -2.79 -18.82
N GLY B 422 18.16 -2.60 -18.08
CA GLY B 422 19.49 -2.93 -18.58
C GLY B 422 19.65 -2.34 -19.97
N ASP B 423 20.02 -3.18 -20.93
CA ASP B 423 20.19 -2.72 -22.31
C ASP B 423 19.00 -3.09 -23.22
N ARG B 424 17.83 -3.31 -22.62
CA ARG B 424 16.56 -3.40 -23.36
C ARG B 424 15.81 -2.07 -23.24
N MET B 425 15.19 -1.64 -24.32
CA MET B 425 14.30 -0.48 -24.30
C MET B 425 12.86 -0.98 -24.33
N ILE B 426 11.98 -0.30 -23.61
CA ILE B 426 10.62 -0.77 -23.42
C ILE B 426 9.61 0.34 -23.73
N ILE B 427 8.47 -0.04 -24.30
CA ILE B 427 7.28 0.81 -24.36
C ILE B 427 6.02 0.11 -23.82
N SER B 428 5.04 0.94 -23.51
CA SER B 428 3.77 0.48 -22.94
C SER B 428 2.79 1.66 -23.08
N PRO B 429 2.44 2.05 -24.34
CA PRO B 429 1.66 3.29 -24.56
C PRO B 429 0.21 3.19 -24.07
N PRO B 430 -0.49 4.33 -23.96
CA PRO B 430 -1.92 4.21 -23.65
C PRO B 430 -2.59 3.30 -24.68
N LEU B 431 -3.58 2.54 -24.29
CA LEU B 431 -4.24 1.59 -25.21
C LEU B 431 -4.91 2.28 -26.37
N VAL B 432 -5.34 3.50 -26.10
CA VAL B 432 -6.11 4.30 -27.04
C VAL B 432 -5.25 4.96 -28.12
N ILE B 433 -3.93 4.75 -28.08
CA ILE B 433 -3.03 5.37 -29.06
C ILE B 433 -3.49 5.02 -30.48
N THR B 434 -3.40 5.98 -31.40
CA THR B 434 -3.84 5.78 -32.79
C THR B 434 -2.66 5.47 -33.71
N PRO B 435 -2.95 4.93 -34.92
CA PRO B 435 -1.84 4.81 -35.91
C PRO B 435 -1.02 6.10 -36.15
N ALA B 436 -1.69 7.26 -36.22
CA ALA B 436 -0.99 8.53 -36.36
C ALA B 436 0.02 8.81 -35.22
N GLU B 437 -0.40 8.53 -34.00
CA GLU B 437 0.40 8.75 -32.84
C GLU B 437 1.57 7.77 -32.83
N ILE B 438 1.28 6.52 -33.18
CA ILE B 438 2.31 5.46 -33.31
C ILE B 438 3.38 5.84 -34.35
N ASP B 439 2.96 6.40 -35.50
CA ASP B 439 3.92 6.91 -36.49
C ASP B 439 4.88 7.94 -35.87
N GLU B 440 4.34 8.91 -35.14
CA GLU B 440 5.19 9.92 -34.49
C GLU B 440 6.09 9.29 -33.41
N MET B 441 5.58 8.31 -32.68
CA MET B 441 6.39 7.58 -31.69
C MET B 441 7.61 7.01 -32.39
N PHE B 442 7.38 6.39 -33.56
CA PHE B 442 8.48 5.79 -34.33
C PHE B 442 9.46 6.77 -34.93
N VAL B 443 8.98 7.95 -35.31
CA VAL B 443 9.93 8.98 -35.74
C VAL B 443 10.92 9.29 -34.59
N ARG B 444 10.39 9.49 -33.37
CA ARG B 444 11.25 9.79 -32.22
C ARG B 444 12.11 8.59 -31.80
N ILE B 445 11.58 7.36 -31.89
CA ILE B 445 12.34 6.16 -31.53
C ILE B 445 13.53 6.01 -32.48
N ARG B 446 13.28 6.10 -33.79
CA ARG B 446 14.36 5.92 -34.76
C ARG B 446 15.46 6.99 -34.63
N LYS B 447 15.03 8.22 -34.36
CA LYS B 447 15.98 9.33 -34.16
C LYS B 447 16.82 9.04 -32.91
N SER B 448 16.19 8.61 -31.81
CA SER B 448 16.92 8.31 -30.58
C SER B 448 17.92 7.15 -30.73
N LEU B 449 17.49 6.10 -31.43
CA LEU B 449 18.33 4.92 -31.70
C LEU B 449 19.54 5.30 -32.57
N ASP B 450 19.32 6.17 -33.56
CA ASP B 450 20.39 6.65 -34.45
C ASP B 450 21.44 7.43 -33.67
N GLU B 451 20.97 8.40 -32.88
CA GLU B 451 21.78 9.21 -32.01
C GLU B 451 22.49 8.39 -30.92
N ALA B 452 21.77 7.43 -30.33
CA ALA B 452 22.38 6.52 -29.34
C ALA B 452 23.53 5.73 -29.98
N GLN B 453 23.31 5.15 -31.17
CA GLN B 453 24.35 4.37 -31.82
C GLN B 453 25.63 5.23 -32.08
N ALA B 454 25.43 6.48 -32.53
CA ALA B 454 26.56 7.38 -32.79
C ALA B 454 27.35 7.68 -31.50
N GLU B 455 26.63 7.90 -30.40
CA GLU B 455 27.26 8.08 -29.09
C GLU B 455 27.99 6.82 -28.64
N ILE B 456 27.35 5.67 -28.80
CA ILE B 456 27.99 4.41 -28.40
C ILE B 456 29.30 4.17 -29.20
N GLU B 457 29.24 4.35 -30.52
CA GLU B 457 30.45 4.21 -31.35
C GLU B 457 31.55 5.22 -30.96
N LYS B 458 31.17 6.47 -30.75
CA LYS B 458 32.14 7.52 -30.43
C LYS B 458 32.81 7.27 -29.11
N GLN B 459 32.04 6.76 -28.12
CA GLN B 459 32.58 6.61 -26.77
C GLN B 459 33.33 5.30 -26.60
N GLY B 460 33.50 4.58 -27.71
CA GLY B 460 34.15 3.26 -27.66
C GLY B 460 33.43 2.23 -26.84
N LEU B 461 32.11 2.27 -26.84
CA LEU B 461 31.29 1.30 -26.08
C LEU B 461 30.68 0.17 -26.91
N MET B 462 30.96 0.12 -28.21
CA MET B 462 30.50 -1.00 -29.04
C MET B 462 31.39 -2.19 -28.80
N LYS B 463 31.28 -2.75 -27.61
CA LYS B 463 32.14 -3.84 -27.21
C LYS B 463 31.30 -4.95 -26.62
N SER B 464 31.52 -6.17 -27.12
CA SER B 464 30.89 -7.40 -26.61
C SER B 464 31.50 -7.82 -25.29
N GLU B 465 30.69 -8.43 -24.44
CA GLU B 465 31.20 -9.05 -23.22
C GLU B 465 31.86 -10.38 -23.60
#